data_6Z71
#
_entry.id   6Z71
#
_cell.length_a   80.300
_cell.length_b   71.500
_cell.length_c   104.300
_cell.angle_alpha   90.000
_cell.angle_beta   100.900
_cell.angle_gamma   90.000
#
_symmetry.space_group_name_H-M   'P 1 21 1'
#
_entity_poly.entity_id   1
_entity_poly.type   'polypeptide(L)'
_entity_poly.pdbx_seq_one_letter_code
;MQRIIVNPNEPYLSVIKKVVKLSIPIIVVNLLYTVENMISMILVSSISPSAVAATGFSLSLLWFIYSLMALSYSGTNILI
AQFVGAKKDPSPILINGLFLSFLISLPLFFYGKDFVLFLMKVLGASETVRSLAKEYLTPIFWFIPIGFLTNTFYGAYNGA
GDTKTPMKVAIIMNLTHIGTAYTLINGKFGLPKLGVEGAGWGIAISEILAFFIYTFLLIFFKKPFPLHLRLEPKLLFKMV
RLGTPTALERAITTLSFNVFVGFLAKFGDKVLAAHQIGLRIESISFMIGFGVMIASTTLAGQNYGARNYRGMVHAVNTSA
HFTALVMSLTGLILILFPHYLVYPFSRDPEVIEWASYYLQIVGISQPAMAYASIYSGALKGMGKTHIPLFVNISSFWLFR
IIPSYFLLKVIHSPLVPWGFMTFETAVRALFYYTVFKKVVGKLLQTFQKEEEPEGEDAEGDKPLDEVRSKVTRNSENLYF
QGGRGSHHHHHHHHHH
;
_entity_poly.pdbx_strand_id   A,B
#
# COMPACT_ATOMS: atom_id res chain seq x y z
N PRO A 8 15.50 33.15 -9.39
CA PRO A 8 16.89 33.30 -8.98
C PRO A 8 17.06 34.41 -7.95
N ASN A 9 16.79 35.65 -8.39
CA ASN A 9 16.71 36.77 -7.46
C ASN A 9 15.72 37.83 -7.95
N GLU A 10 14.86 37.51 -8.91
CA GLU A 10 13.84 38.44 -9.35
C GLU A 10 12.92 38.78 -8.17
N PRO A 11 12.47 40.03 -8.06
CA PRO A 11 11.75 40.45 -6.85
C PRO A 11 10.35 39.88 -6.75
N TYR A 12 9.66 40.22 -5.66
CA TYR A 12 8.34 39.72 -5.30
C TYR A 12 7.38 39.69 -6.48
N LEU A 13 7.00 40.88 -6.97
CA LEU A 13 6.03 40.99 -8.05
C LEU A 13 6.38 40.08 -9.21
N SER A 14 7.67 39.95 -9.53
CA SER A 14 8.06 39.18 -10.70
C SER A 14 7.78 37.69 -10.50
N VAL A 15 8.11 37.15 -9.32
CA VAL A 15 7.93 35.73 -9.10
C VAL A 15 6.47 35.38 -8.89
N ILE A 16 5.69 36.26 -8.26
CA ILE A 16 4.27 35.96 -8.09
C ILE A 16 3.49 36.16 -9.39
N LYS A 17 4.02 36.96 -10.31
CA LYS A 17 3.40 37.04 -11.63
C LYS A 17 3.56 35.72 -12.37
N LYS A 18 4.76 35.15 -12.37
CA LYS A 18 4.99 33.86 -12.99
C LYS A 18 4.24 32.74 -12.27
N VAL A 19 3.81 32.97 -11.03
CA VAL A 19 3.09 31.96 -10.25
C VAL A 19 1.60 32.09 -10.50
N VAL A 20 1.05 33.27 -10.24
CA VAL A 20 -0.41 33.46 -10.27
C VAL A 20 -0.98 33.11 -11.64
N LYS A 21 -0.28 33.50 -12.71
CA LYS A 21 -0.78 33.23 -14.05
C LYS A 21 -0.88 31.74 -14.36
N LEU A 22 -0.15 30.90 -13.62
CA LEU A 22 -0.23 29.45 -13.82
C LEU A 22 -0.78 28.72 -12.60
N SER A 23 -1.27 29.45 -11.60
CA SER A 23 -1.94 28.87 -10.45
C SER A 23 -3.42 29.20 -10.39
N ILE A 24 -3.83 30.36 -10.90
CA ILE A 24 -5.26 30.64 -11.04
C ILE A 24 -5.95 29.67 -11.97
N PRO A 25 -5.35 29.18 -13.06
CA PRO A 25 -6.04 28.16 -13.87
C PRO A 25 -6.38 26.90 -13.09
N ILE A 26 -5.47 26.40 -12.24
CA ILE A 26 -5.78 25.19 -11.49
C ILE A 26 -6.83 25.48 -10.42
N ILE A 27 -6.77 26.66 -9.81
CA ILE A 27 -7.83 27.09 -8.89
C ILE A 27 -9.17 27.07 -9.60
N VAL A 28 -9.20 27.56 -10.85
CA VAL A 28 -10.42 27.58 -11.63
C VAL A 28 -10.90 26.15 -11.91
N VAL A 29 -9.98 25.27 -12.28
CA VAL A 29 -10.34 23.88 -12.56
C VAL A 29 -10.97 23.23 -11.35
N ASN A 30 -10.35 23.41 -10.18
CA ASN A 30 -10.84 22.75 -8.98
C ASN A 30 -12.14 23.34 -8.48
N LEU A 31 -12.28 24.68 -8.57
CA LEU A 31 -13.55 25.30 -8.21
C LEU A 31 -14.66 24.91 -9.18
N LEU A 32 -14.32 24.71 -10.45
CA LEU A 32 -15.28 24.18 -11.41
C LEU A 32 -15.70 22.76 -11.03
N TYR A 33 -14.75 21.96 -10.53
CA TYR A 33 -15.12 20.64 -10.03
C TYR A 33 -16.10 20.74 -8.87
N THR A 34 -15.84 21.67 -7.95
CA THR A 34 -16.77 21.89 -6.84
C THR A 34 -18.16 22.27 -7.33
N VAL A 35 -18.23 23.24 -8.25
CA VAL A 35 -19.53 23.66 -8.78
C VAL A 35 -20.19 22.52 -9.53
N GLU A 36 -19.41 21.75 -10.28
CA GLU A 36 -19.92 20.61 -11.03
C GLU A 36 -20.59 19.60 -10.11
N ASN A 37 -19.89 19.22 -9.03
CA ASN A 37 -20.46 18.23 -8.13
C ASN A 37 -21.64 18.78 -7.33
N MET A 38 -21.63 20.07 -6.99
CA MET A 38 -22.79 20.63 -6.30
C MET A 38 -24.01 20.66 -7.22
N ILE A 39 -23.83 21.09 -8.48
CA ILE A 39 -24.95 21.10 -9.42
C ILE A 39 -25.39 19.68 -9.73
N SER A 40 -24.49 18.70 -9.66
CA SER A 40 -24.90 17.32 -9.84
C SER A 40 -25.70 16.81 -8.65
N MET A 41 -25.31 17.19 -7.44
CA MET A 41 -26.12 16.91 -6.27
C MET A 41 -27.51 17.48 -6.42
N ILE A 42 -27.60 18.71 -6.94
CA ILE A 42 -28.92 19.33 -7.15
C ILE A 42 -29.69 18.59 -8.24
N LEU A 43 -29.01 18.20 -9.31
CA LEU A 43 -29.68 17.51 -10.42
C LEU A 43 -30.24 16.16 -9.97
N VAL A 44 -29.48 15.39 -9.20
CA VAL A 44 -29.97 14.11 -8.70
C VAL A 44 -30.87 14.28 -7.48
N SER A 45 -30.86 15.46 -6.86
CA SER A 45 -31.80 15.72 -5.77
C SER A 45 -33.24 15.72 -6.28
N SER A 46 -33.44 16.14 -7.52
CA SER A 46 -34.75 16.10 -8.16
C SER A 46 -35.11 14.71 -8.65
N ILE A 47 -34.75 13.66 -7.92
CA ILE A 47 -35.15 12.31 -8.25
C ILE A 47 -35.76 11.67 -7.01
N SER A 48 -34.93 11.35 -6.02
CA SER A 48 -35.39 10.73 -4.79
C SER A 48 -34.28 10.75 -3.73
N PRO A 49 -34.64 10.77 -2.44
CA PRO A 49 -33.59 10.70 -1.41
C PRO A 49 -32.76 9.43 -1.49
N SER A 50 -33.35 8.33 -1.96
CA SER A 50 -32.57 7.11 -2.18
C SER A 50 -31.55 7.32 -3.30
N ALA A 51 -31.96 8.00 -4.37
CA ALA A 51 -31.02 8.29 -5.46
C ALA A 51 -29.89 9.19 -4.99
N VAL A 52 -30.20 10.19 -4.17
CA VAL A 52 -29.15 11.06 -3.64
C VAL A 52 -28.23 10.28 -2.72
N ALA A 53 -28.79 9.39 -1.90
CA ALA A 53 -27.96 8.53 -1.06
C ALA A 53 -26.99 7.71 -1.91
N ALA A 54 -27.52 7.02 -2.92
CA ALA A 54 -26.68 6.20 -3.77
C ALA A 54 -25.59 7.03 -4.45
N THR A 55 -25.99 8.16 -5.06
CA THR A 55 -25.03 8.98 -5.80
C THR A 55 -23.95 9.53 -4.87
N GLY A 56 -24.36 10.12 -3.74
CA GLY A 56 -23.39 10.71 -2.84
C GLY A 56 -22.46 9.68 -2.23
N PHE A 57 -22.99 8.50 -1.88
CA PHE A 57 -22.13 7.47 -1.30
C PHE A 57 -21.17 6.91 -2.34
N SER A 58 -21.64 6.68 -3.57
CA SER A 58 -20.77 6.14 -4.61
C SER A 58 -19.72 7.17 -5.06
N LEU A 59 -20.04 8.45 -4.98
CA LEU A 59 -19.07 9.48 -5.33
C LEU A 59 -18.05 9.67 -4.21
N SER A 60 -18.53 9.81 -2.98
CA SER A 60 -17.65 9.96 -1.83
C SER A 60 -16.89 8.69 -1.49
N LEU A 61 -17.18 7.58 -2.17
CA LEU A 61 -16.46 6.34 -1.98
C LEU A 61 -15.38 6.12 -3.04
N LEU A 62 -15.54 6.73 -4.23
CA LEU A 62 -14.54 6.58 -5.27
C LEU A 62 -13.20 7.19 -4.89
N TRP A 63 -13.16 8.06 -3.87
CA TRP A 63 -11.90 8.60 -3.38
C TRP A 63 -11.09 7.49 -2.70
N PHE A 64 -10.70 6.50 -3.50
CA PHE A 64 -10.04 5.29 -3.05
C PHE A 64 -9.75 4.46 -4.29
N ILE A 65 -10.69 4.50 -5.23
CA ILE A 65 -10.48 4.01 -6.58
C ILE A 65 -10.01 5.20 -7.42
N TYR A 66 -10.85 6.23 -7.50
CA TYR A 66 -10.45 7.53 -8.02
C TYR A 66 -9.44 8.14 -7.04
N SER A 67 -8.26 7.54 -6.96
CA SER A 67 -7.25 7.89 -5.99
C SER A 67 -5.95 7.15 -6.30
N LEU A 68 -6.06 6.07 -7.09
CA LEU A 68 -4.91 5.32 -7.53
C LEU A 68 -4.25 5.93 -8.77
N MET A 69 -4.97 6.77 -9.51
CA MET A 69 -4.40 7.46 -10.67
C MET A 69 -3.30 8.44 -10.30
N ALA A 70 -2.93 8.55 -9.02
CA ALA A 70 -1.77 9.35 -8.63
C ALA A 70 -0.48 8.86 -9.26
N LEU A 71 -0.41 7.58 -9.64
CA LEU A 71 0.69 7.14 -10.50
C LEU A 71 0.65 7.89 -11.82
N SER A 72 -0.42 7.69 -12.60
CA SER A 72 -0.54 8.31 -13.91
C SER A 72 -0.36 9.82 -13.86
N TYR A 73 -0.85 10.46 -12.79
CA TYR A 73 -0.74 11.91 -12.67
C TYR A 73 0.64 12.33 -12.22
N SER A 74 1.06 11.90 -11.02
CA SER A 74 2.27 12.39 -10.42
C SER A 74 3.52 11.93 -11.17
N GLY A 75 3.58 10.65 -11.55
CA GLY A 75 4.76 10.17 -12.26
C GLY A 75 5.06 10.93 -13.54
N THR A 76 4.06 11.59 -14.10
CA THR A 76 4.28 12.43 -15.28
C THR A 76 4.51 13.89 -14.90
N ASN A 77 3.71 14.42 -13.96
CA ASN A 77 3.84 15.81 -13.55
C ASN A 77 5.21 16.09 -12.96
N ILE A 78 5.76 15.14 -12.20
CA ILE A 78 7.04 15.35 -11.55
C ILE A 78 8.17 15.32 -12.56
N LEU A 79 8.09 14.41 -13.54
CA LEU A 79 9.18 14.25 -14.49
C LEU A 79 9.21 15.36 -15.52
N ILE A 80 8.05 15.73 -16.07
CA ILE A 80 8.05 16.71 -17.15
C ILE A 80 8.51 18.07 -16.65
N ALA A 81 8.27 18.40 -15.38
CA ALA A 81 8.76 19.66 -14.85
C ALA A 81 10.28 19.72 -14.89
N GLN A 82 10.95 18.69 -14.35
CA GLN A 82 12.40 18.66 -14.38
C GLN A 82 12.96 18.54 -15.79
N PHE A 83 12.21 17.92 -16.70
CA PHE A 83 12.72 17.77 -18.06
C PHE A 83 12.60 19.08 -18.86
N VAL A 84 11.50 19.81 -18.70
CA VAL A 84 11.38 21.10 -19.35
C VAL A 84 12.34 22.09 -18.72
N GLY A 85 12.55 21.97 -17.41
CA GLY A 85 13.51 22.86 -16.74
C GLY A 85 14.92 22.68 -17.28
N ALA A 86 15.33 21.43 -17.51
CA ALA A 86 16.65 21.12 -18.05
C ALA A 86 16.71 21.22 -19.57
N LYS A 87 15.66 21.72 -20.21
CA LYS A 87 15.60 21.89 -21.66
C LYS A 87 15.80 20.58 -22.41
N LYS A 88 15.49 19.46 -21.77
CA LYS A 88 15.53 18.16 -22.41
C LYS A 88 14.19 17.85 -23.05
N ASP A 89 14.22 16.99 -24.07
CA ASP A 89 13.01 16.59 -24.79
C ASP A 89 12.10 15.80 -23.87
N PRO A 90 10.96 16.36 -23.47
CA PRO A 90 10.08 15.66 -22.53
C PRO A 90 9.01 14.86 -23.25
N SER A 91 9.38 14.30 -24.40
CA SER A 91 8.50 13.49 -25.22
C SER A 91 8.38 12.04 -24.74
N PRO A 92 9.48 11.35 -24.37
CA PRO A 92 9.36 9.95 -23.96
C PRO A 92 8.57 9.76 -22.66
N ILE A 93 8.21 10.83 -21.96
CA ILE A 93 7.42 10.69 -20.75
C ILE A 93 5.93 10.73 -21.03
N LEU A 94 5.50 11.51 -22.03
CA LEU A 94 4.09 11.54 -22.40
C LEU A 94 3.63 10.18 -22.94
N ILE A 95 4.46 9.58 -23.81
CA ILE A 95 4.13 8.25 -24.34
C ILE A 95 4.03 7.24 -23.21
N ASN A 96 5.08 7.18 -22.38
CA ASN A 96 5.08 6.25 -21.26
C ASN A 96 4.04 6.63 -20.21
N GLY A 97 3.76 7.93 -20.04
CA GLY A 97 2.72 8.32 -19.10
C GLY A 97 1.35 7.82 -19.52
N LEU A 98 1.01 8.00 -20.80
CA LEU A 98 -0.26 7.49 -21.31
C LEU A 98 -0.30 5.97 -21.26
N PHE A 99 0.80 5.30 -21.63
CA PHE A 99 0.84 3.86 -21.57
C PHE A 99 0.64 3.36 -20.15
N LEU A 100 1.27 4.01 -19.17
CA LEU A 100 1.11 3.61 -17.78
C LEU A 100 -0.30 3.85 -17.29
N SER A 101 -0.90 4.99 -17.66
CA SER A 101 -2.28 5.25 -17.28
C SER A 101 -3.20 4.17 -17.83
N PHE A 102 -3.09 3.88 -19.13
CA PHE A 102 -3.94 2.85 -19.74
C PHE A 102 -3.65 1.48 -19.16
N LEU A 103 -2.41 1.24 -18.73
CA LEU A 103 -2.04 -0.06 -18.19
C LEU A 103 -2.65 -0.29 -16.82
N ILE A 104 -2.56 0.72 -15.94
CA ILE A 104 -3.08 0.55 -14.57
C ILE A 104 -4.57 0.84 -14.48
N SER A 105 -5.16 1.45 -15.50
CA SER A 105 -6.61 1.63 -15.49
C SER A 105 -7.37 0.35 -15.80
N LEU A 106 -6.69 -0.65 -16.39
CA LEU A 106 -7.37 -1.89 -16.77
C LEU A 106 -7.87 -2.66 -15.55
N PRO A 107 -7.08 -2.86 -14.48
CA PRO A 107 -7.63 -3.54 -13.29
C PRO A 107 -8.81 -2.83 -12.65
N LEU A 108 -9.13 -1.63 -13.10
CA LEU A 108 -10.37 -0.96 -12.70
C LEU A 108 -11.49 -1.14 -13.73
N PHE A 109 -11.13 -1.31 -15.00
CA PHE A 109 -12.12 -1.63 -16.01
C PHE A 109 -12.86 -2.91 -15.63
N PHE A 110 -12.12 -4.00 -15.41
CA PHE A 110 -12.72 -5.28 -15.07
C PHE A 110 -13.12 -5.32 -13.59
N TYR A 111 -12.22 -5.81 -12.74
CA TYR A 111 -12.49 -5.95 -11.31
C TYR A 111 -12.24 -4.61 -10.61
N GLY A 112 -13.11 -3.66 -10.91
CA GLY A 112 -13.07 -2.36 -10.28
C GLY A 112 -14.43 -1.95 -9.77
N LYS A 113 -15.45 -2.08 -10.62
CA LYS A 113 -16.82 -1.80 -10.20
C LYS A 113 -17.32 -2.88 -9.25
N ASP A 114 -16.91 -4.13 -9.48
CA ASP A 114 -17.26 -5.20 -8.57
C ASP A 114 -16.62 -4.99 -7.21
N PHE A 115 -15.40 -4.46 -7.20
CA PHE A 115 -14.77 -4.07 -5.94
C PHE A 115 -15.60 -3.02 -5.22
N VAL A 116 -16.17 -2.07 -5.96
CA VAL A 116 -16.96 -1.01 -5.36
C VAL A 116 -18.26 -1.56 -4.80
N LEU A 117 -18.92 -2.48 -5.53
CA LEU A 117 -20.13 -3.11 -5.00
C LEU A 117 -19.83 -3.93 -3.75
N PHE A 118 -18.71 -4.67 -3.77
CA PHE A 118 -18.26 -5.39 -2.59
C PHE A 118 -18.12 -4.45 -1.40
N LEU A 119 -17.46 -3.30 -1.62
CA LEU A 119 -17.27 -2.35 -0.53
C LEU A 119 -18.59 -1.73 -0.07
N MET A 120 -19.53 -1.53 -1.00
CA MET A 120 -20.84 -1.00 -0.63
C MET A 120 -21.63 -1.99 0.21
N LYS A 121 -21.47 -3.29 -0.05
CA LYS A 121 -22.15 -4.28 0.80
C LYS A 121 -21.68 -4.17 2.24
N VAL A 122 -20.38 -3.99 2.46
CA VAL A 122 -19.84 -3.86 3.80
C VAL A 122 -20.15 -2.48 4.36
N ALA A 125 -26.00 1.66 4.80
CA ALA A 125 -26.35 1.38 3.41
C ALA A 125 -27.62 0.54 3.32
N SER A 126 -27.78 -0.14 2.18
CA SER A 126 -28.93 -0.99 1.91
C SER A 126 -28.58 -1.84 0.69
N GLU A 127 -29.58 -2.56 0.18
CA GLU A 127 -29.41 -3.34 -1.04
C GLU A 127 -29.90 -2.60 -2.28
N THR A 128 -30.99 -1.85 -2.16
CA THR A 128 -31.48 -1.08 -3.29
C THR A 128 -30.51 0.03 -3.67
N VAL A 129 -29.89 0.65 -2.67
CA VAL A 129 -28.91 1.69 -2.91
C VAL A 129 -27.76 1.17 -3.77
N ARG A 130 -27.29 -0.03 -3.46
CA ARG A 130 -26.21 -0.62 -4.25
C ARG A 130 -26.68 -0.94 -5.67
N SER A 131 -27.94 -1.36 -5.82
CA SER A 131 -28.45 -1.68 -7.15
C SER A 131 -28.61 -0.43 -7.99
N LEU A 132 -28.92 0.71 -7.37
CA LEU A 132 -28.96 1.97 -8.12
C LEU A 132 -27.55 2.48 -8.41
N ALA A 133 -26.62 2.30 -7.46
CA ALA A 133 -25.23 2.64 -7.73
C ALA A 133 -24.65 1.82 -8.86
N LYS A 134 -25.15 0.60 -9.06
CA LYS A 134 -24.74 -0.18 -10.21
C LYS A 134 -25.13 0.51 -11.51
N GLU A 135 -26.35 1.02 -11.59
CA GLU A 135 -26.76 1.78 -12.77
C GLU A 135 -25.91 3.03 -12.93
N TYR A 136 -25.60 3.70 -11.81
CA TYR A 136 -24.82 4.93 -11.88
C TYR A 136 -23.38 4.66 -12.32
N LEU A 137 -22.85 3.48 -12.03
CA LEU A 137 -21.45 3.17 -12.29
C LEU A 137 -21.23 2.32 -13.54
N THR A 138 -22.30 1.78 -14.14
CA THR A 138 -22.10 0.96 -15.34
C THR A 138 -21.42 1.72 -16.47
N PRO A 139 -21.85 2.92 -16.87
CA PRO A 139 -21.15 3.60 -17.96
C PRO A 139 -19.88 4.31 -17.51
N ILE A 140 -19.74 4.60 -16.22
CA ILE A 140 -18.55 5.29 -15.74
C ILE A 140 -17.31 4.41 -15.93
N PHE A 141 -17.42 3.14 -15.56
CA PHE A 141 -16.28 2.24 -15.63
C PHE A 141 -15.96 1.78 -17.05
N TRP A 142 -16.85 2.00 -18.02
CA TRP A 142 -16.51 1.68 -19.39
C TRP A 142 -15.44 2.61 -19.93
N PHE A 143 -15.39 3.85 -19.45
CA PHE A 143 -14.44 4.85 -19.92
C PHE A 143 -13.52 5.29 -18.79
N ILE A 144 -13.08 4.35 -17.97
CA ILE A 144 -12.12 4.64 -16.91
C ILE A 144 -10.72 4.85 -17.48
N PRO A 145 -10.25 4.03 -18.43
CA PRO A 145 -8.98 4.39 -19.09
C PRO A 145 -9.03 5.74 -19.78
N ILE A 146 -10.19 6.15 -20.29
CA ILE A 146 -10.34 7.48 -20.86
C ILE A 146 -10.08 8.54 -19.78
N GLY A 147 -10.65 8.34 -18.60
CA GLY A 147 -10.41 9.27 -17.51
C GLY A 147 -8.96 9.28 -17.07
N PHE A 148 -8.32 8.10 -17.07
CA PHE A 148 -6.89 8.03 -16.73
C PHE A 148 -6.06 8.82 -17.74
N LEU A 149 -6.40 8.73 -19.03
CA LEU A 149 -5.69 9.49 -20.05
C LEU A 149 -5.90 10.99 -19.87
N THR A 150 -7.15 11.40 -19.64
CA THR A 150 -7.41 12.82 -19.39
C THR A 150 -6.65 13.31 -18.18
N ASN A 151 -6.54 12.49 -17.14
CA ASN A 151 -5.82 12.89 -15.93
C ASN A 151 -4.31 12.99 -16.19
N THR A 152 -3.77 12.06 -16.97
CA THR A 152 -2.35 12.15 -17.33
C THR A 152 -2.09 13.42 -18.14
N PHE A 153 -3.01 13.78 -19.02
CA PHE A 153 -2.87 15.04 -19.77
C PHE A 153 -2.92 16.23 -18.81
N TYR A 154 -3.94 16.30 -17.96
CA TYR A 154 -4.08 17.38 -16.99
C TYR A 154 -2.88 17.47 -16.07
N GLY A 155 -2.15 16.37 -15.86
CA GLY A 155 -0.93 16.39 -15.08
C GLY A 155 0.31 16.68 -15.90
N ALA A 156 0.22 16.54 -17.21
CA ALA A 156 1.34 16.84 -18.09
C ALA A 156 1.36 18.30 -18.52
N TYR A 157 0.20 18.89 -18.79
CA TYR A 157 0.16 20.32 -19.10
C TYR A 157 0.61 21.16 -17.91
N ASN A 158 0.37 20.68 -16.69
CA ASN A 158 0.82 21.41 -15.51
C ASN A 158 2.33 21.42 -15.41
N GLY A 159 3.01 20.38 -15.90
CA GLY A 159 4.45 20.32 -15.81
C GLY A 159 5.14 21.21 -16.81
N ALA A 160 4.53 21.41 -17.99
CA ALA A 160 5.10 22.26 -19.02
C ALA A 160 4.80 23.74 -18.80
N GLY A 161 4.06 24.09 -17.75
CA GLY A 161 3.75 25.48 -17.49
C GLY A 161 2.70 26.05 -18.41
N ASP A 162 1.63 25.29 -18.69
CA ASP A 162 0.53 25.72 -19.55
C ASP A 162 -0.79 25.23 -18.95
N THR A 163 -1.12 25.74 -17.76
CA THR A 163 -2.34 25.34 -17.08
C THR A 163 -3.59 25.99 -17.64
N LYS A 164 -3.45 27.04 -18.46
CA LYS A 164 -4.61 27.64 -19.11
C LYS A 164 -5.29 26.66 -20.05
N THR A 165 -4.52 25.74 -20.64
CA THR A 165 -5.14 24.75 -21.52
C THR A 165 -6.04 23.79 -20.75
N PRO A 166 -5.61 23.17 -19.65
CA PRO A 166 -6.57 22.40 -18.83
C PRO A 166 -7.67 23.26 -18.25
N MET A 167 -7.43 24.55 -18.01
CA MET A 167 -8.52 25.43 -17.58
C MET A 167 -9.62 25.50 -18.64
N LYS A 168 -9.25 25.77 -19.89
CA LYS A 168 -10.23 25.84 -20.96
C LYS A 168 -10.92 24.49 -21.16
N VAL A 169 -10.12 23.42 -21.20
CA VAL A 169 -10.69 22.10 -21.40
C VAL A 169 -11.61 21.71 -20.25
N ALA A 170 -11.32 22.20 -19.04
CA ALA A 170 -12.17 21.90 -17.90
C ALA A 170 -13.48 22.67 -17.96
N ILE A 171 -13.44 23.92 -18.41
CA ILE A 171 -14.69 24.64 -18.67
C ILE A 171 -15.54 23.84 -19.64
N ILE A 172 -14.95 23.45 -20.78
CA ILE A 172 -15.68 22.66 -21.78
C ILE A 172 -16.25 21.40 -21.16
N MET A 173 -15.41 20.66 -20.42
CA MET A 173 -15.77 19.35 -19.91
C MET A 173 -16.89 19.44 -18.88
N ASN A 174 -16.83 20.43 -17.98
CA ASN A 174 -17.86 20.54 -16.96
C ASN A 174 -19.17 21.06 -17.54
N LEU A 175 -19.10 21.96 -18.54
CA LEU A 175 -20.32 22.36 -19.23
C LEU A 175 -20.98 21.16 -19.91
N THR A 176 -20.18 20.36 -20.61
CA THR A 176 -20.72 19.16 -21.26
C THR A 176 -21.29 18.18 -20.24
N HIS A 177 -20.56 17.96 -19.13
CA HIS A 177 -21.02 17.09 -18.06
C HIS A 177 -22.40 17.50 -17.58
N ILE A 178 -22.53 18.76 -17.17
CA ILE A 178 -23.80 19.21 -16.60
C ILE A 178 -24.90 19.19 -17.66
N GLY A 179 -24.58 19.55 -18.90
CA GLY A 179 -25.61 19.55 -19.94
C GLY A 179 -26.14 18.16 -20.24
N THR A 180 -25.23 17.20 -20.42
CA THR A 180 -25.66 15.83 -20.71
C THR A 180 -26.40 15.21 -19.53
N ALA A 181 -25.95 15.50 -18.30
CA ALA A 181 -26.68 15.01 -17.14
C ALA A 181 -28.08 15.62 -17.08
N TYR A 182 -28.19 16.92 -17.37
CA TYR A 182 -29.51 17.57 -17.38
C TYR A 182 -30.42 16.93 -18.41
N THR A 183 -29.90 16.66 -19.61
CA THR A 183 -30.75 16.07 -20.65
C THR A 183 -31.18 14.66 -20.27
N LEU A 184 -30.24 13.84 -19.78
CA LEU A 184 -30.56 12.44 -19.56
C LEU A 184 -31.28 12.18 -18.24
N ILE A 185 -31.10 13.03 -17.24
CA ILE A 185 -31.81 12.86 -15.97
C ILE A 185 -33.29 13.15 -16.18
N VAL A 196 -30.69 8.12 -12.82
CA VAL A 196 -29.42 8.06 -12.10
C VAL A 196 -28.32 7.60 -13.06
N GLU A 197 -28.72 6.86 -14.10
CA GLU A 197 -27.76 6.38 -15.09
C GLU A 197 -27.26 7.54 -15.96
N GLY A 198 -28.14 8.47 -16.31
CA GLY A 198 -27.72 9.63 -17.07
C GLY A 198 -26.70 10.46 -16.34
N ALA A 199 -26.74 10.45 -15.01
CA ALA A 199 -25.75 11.22 -14.24
C ALA A 199 -24.35 10.64 -14.41
N GLY A 200 -24.24 9.31 -14.50
CA GLY A 200 -22.96 8.71 -14.82
C GLY A 200 -22.58 8.87 -16.28
N TRP A 201 -23.56 8.83 -17.17
CA TRP A 201 -23.29 9.15 -18.57
C TRP A 201 -22.73 10.55 -18.71
N GLY A 202 -23.13 11.46 -17.83
CA GLY A 202 -22.52 12.79 -17.84
C GLY A 202 -21.02 12.73 -17.65
N ILE A 203 -20.57 12.02 -16.62
CA ILE A 203 -19.14 11.86 -16.37
C ILE A 203 -18.47 11.20 -17.58
N ALA A 204 -19.07 10.13 -18.08
CA ALA A 204 -18.45 9.38 -19.19
C ALA A 204 -18.29 10.26 -20.43
N ILE A 205 -19.35 10.95 -20.83
CA ILE A 205 -19.31 11.74 -22.05
C ILE A 205 -18.40 12.95 -21.87
N SER A 206 -18.43 13.58 -20.70
CA SER A 206 -17.50 14.68 -20.45
C SER A 206 -16.06 14.20 -20.58
N GLU A 207 -15.76 13.03 -20.03
CA GLU A 207 -14.39 12.53 -20.11
C GLU A 207 -13.99 12.21 -21.54
N ILE A 208 -14.88 11.56 -22.31
CA ILE A 208 -14.50 11.23 -23.69
C ILE A 208 -14.36 12.50 -24.52
N LEU A 209 -15.18 13.52 -24.26
CA LEU A 209 -15.08 14.75 -25.03
C LEU A 209 -13.80 15.50 -24.71
N ALA A 210 -13.45 15.60 -23.42
CA ALA A 210 -12.20 16.24 -23.03
C ALA A 210 -10.99 15.46 -23.55
N PHE A 211 -11.10 14.13 -23.59
CA PHE A 211 -10.00 13.32 -24.10
C PHE A 211 -9.79 13.55 -25.59
N PHE A 212 -10.88 13.56 -26.36
CA PHE A 212 -10.73 13.80 -27.79
C PHE A 212 -10.31 15.23 -28.08
N ILE A 213 -10.71 16.19 -27.24
CA ILE A 213 -10.20 17.55 -27.38
C ILE A 213 -8.70 17.58 -27.13
N TYR A 214 -8.24 16.90 -26.08
CA TYR A 214 -6.81 16.82 -25.83
C TYR A 214 -6.08 16.15 -27.00
N THR A 215 -6.70 15.14 -27.60
CA THR A 215 -6.07 14.45 -28.73
C THR A 215 -5.96 15.37 -29.94
N PHE A 216 -7.03 16.10 -30.26
CA PHE A 216 -6.99 17.05 -31.36
C PHE A 216 -5.98 18.15 -31.12
N LEU A 217 -5.81 18.56 -29.86
CA LEU A 217 -4.78 19.54 -29.54
C LEU A 217 -3.39 18.94 -29.64
N LEU A 218 -3.24 17.65 -29.31
CA LEU A 218 -1.90 17.06 -29.20
C LEU A 218 -1.28 16.85 -30.58
N ILE A 219 -1.64 15.76 -31.24
CA ILE A 219 -0.86 15.26 -32.36
C ILE A 219 -0.79 16.29 -33.46
N PHE A 220 -1.77 17.19 -33.50
CA PHE A 220 -1.91 18.19 -34.55
C PHE A 220 -0.99 19.37 -34.25
N PHE A 221 -1.48 20.35 -33.49
CA PHE A 221 -0.64 21.47 -33.04
C PHE A 221 0.02 21.03 -31.73
N LYS A 222 1.15 20.34 -31.85
CA LYS A 222 1.85 19.73 -30.73
C LYS A 222 1.95 20.66 -29.52
N LYS A 223 0.86 20.76 -28.77
CA LYS A 223 0.73 21.66 -27.64
C LYS A 223 1.00 20.99 -26.28
N PRO A 224 0.68 19.69 -26.07
CA PRO A 224 1.25 19.04 -24.88
C PRO A 224 2.75 18.96 -25.04
N PHE A 225 3.20 18.35 -26.15
CA PHE A 225 4.58 18.34 -26.63
C PHE A 225 4.67 17.51 -27.90
N PRO A 226 5.65 17.76 -28.78
CA PRO A 226 5.88 16.96 -29.98
C PRO A 226 6.09 15.47 -29.67
N PRO A 233 13.02 4.39 -24.01
CA PRO A 233 11.74 4.27 -23.33
C PRO A 233 11.66 3.09 -22.36
N LYS A 234 12.20 3.29 -21.16
CA LYS A 234 11.99 2.36 -20.05
C LYS A 234 12.09 3.12 -18.73
N LEU A 235 11.50 4.31 -18.67
CA LEU A 235 11.36 5.07 -17.45
C LEU A 235 10.09 4.72 -16.69
N LEU A 236 9.56 3.51 -16.92
CA LEU A 236 8.45 3.02 -16.11
C LEU A 236 8.89 2.83 -14.66
N PHE A 237 10.14 2.39 -14.46
CA PHE A 237 10.71 2.38 -13.11
C PHE A 237 10.55 3.73 -12.43
N LYS A 238 10.94 4.80 -13.13
CA LYS A 238 10.95 6.13 -12.53
C LYS A 238 9.56 6.57 -12.10
N MET A 239 8.62 6.62 -13.05
CA MET A 239 7.28 7.11 -12.75
C MET A 239 6.52 6.19 -11.81
N VAL A 240 6.74 4.88 -11.91
CA VAL A 240 6.14 3.97 -10.94
C VAL A 240 6.64 4.29 -9.53
N ARG A 241 7.96 4.38 -9.36
CA ARG A 241 8.53 4.62 -8.04
C ARG A 241 8.19 6.00 -7.50
N LEU A 242 7.90 6.96 -8.38
CA LEU A 242 7.55 8.30 -7.93
C LEU A 242 6.06 8.48 -7.68
N GLY A 243 5.20 7.78 -8.42
CA GLY A 243 3.78 7.94 -8.27
C GLY A 243 3.17 6.99 -7.26
N THR A 244 3.86 5.88 -6.98
CA THR A 244 3.37 4.98 -5.95
C THR A 244 3.23 5.63 -4.58
N PRO A 245 4.16 6.47 -4.10
CA PRO A 245 3.95 7.08 -2.79
C PRO A 245 2.72 7.96 -2.71
N THR A 246 2.40 8.72 -3.76
CA THR A 246 1.20 9.55 -3.73
C THR A 246 -0.06 8.71 -3.87
N ALA A 247 0.01 7.66 -4.69
CA ALA A 247 -1.10 6.71 -4.78
C ALA A 247 -1.40 6.09 -3.42
N LEU A 248 -0.36 5.83 -2.63
CA LEU A 248 -0.57 5.47 -1.24
C LEU A 248 -1.24 6.61 -0.48
N GLU A 249 -0.53 7.74 -0.38
CA GLU A 249 -0.95 8.87 0.44
C GLU A 249 -2.44 9.17 0.30
N ARG A 250 -2.95 9.25 -0.92
CA ARG A 250 -4.35 9.65 -1.09
C ARG A 250 -5.30 8.62 -0.49
N ALA A 251 -5.12 7.34 -0.81
CA ALA A 251 -6.05 6.32 -0.32
C ALA A 251 -5.91 6.11 1.18
N ILE A 252 -4.67 6.00 1.66
CA ILE A 252 -4.42 5.84 3.09
C ILE A 252 -4.70 7.09 3.89
N THR A 253 -4.95 8.22 3.22
CA THR A 253 -5.45 9.41 3.88
C THR A 253 -6.97 9.44 3.90
N THR A 254 -7.61 8.96 2.83
CA THR A 254 -9.06 8.86 2.85
C THR A 254 -9.53 7.91 3.95
N LEU A 255 -8.85 6.77 4.10
CA LEU A 255 -9.21 5.84 5.17
C LEU A 255 -9.00 6.47 6.55
N SER A 256 -7.87 7.15 6.73
CA SER A 256 -7.57 7.77 8.01
C SER A 256 -8.57 8.85 8.36
N PHE A 257 -8.89 9.71 7.39
CA PHE A 257 -9.88 10.76 7.62
C PHE A 257 -11.27 10.16 7.81
N ASN A 258 -11.53 8.99 7.25
CA ASN A 258 -12.78 8.30 7.54
C ASN A 258 -12.84 7.90 9.01
N VAL A 259 -11.73 7.41 9.56
CA VAL A 259 -11.68 7.12 10.99
C VAL A 259 -11.91 8.40 11.80
N PHE A 260 -11.23 9.49 11.41
CA PHE A 260 -11.39 10.75 12.13
C PHE A 260 -12.82 11.26 12.05
N VAL A 261 -13.50 11.03 10.93
CA VAL A 261 -14.88 11.48 10.79
C VAL A 261 -15.80 10.62 11.64
N GLY A 262 -15.59 9.30 11.64
CA GLY A 262 -16.34 8.41 12.50
C GLY A 262 -16.17 8.73 13.98
N PHE A 263 -15.07 9.37 14.35
CA PHE A 263 -14.94 9.90 15.71
C PHE A 263 -16.14 10.75 16.09
N LEU A 264 -16.58 11.64 15.19
CA LEU A 264 -17.70 12.53 15.47
C LEU A 264 -19.04 11.81 15.47
N ALA A 265 -19.12 10.59 14.95
CA ALA A 265 -20.39 9.88 14.86
C ALA A 265 -20.86 9.34 16.20
N LYS A 266 -19.98 9.23 17.20
CA LYS A 266 -20.37 8.63 18.47
C LYS A 266 -21.36 9.51 19.22
N PHE A 267 -21.14 10.82 19.22
CA PHE A 267 -21.94 11.76 20.01
C PHE A 267 -22.83 12.57 19.06
N GLY A 268 -24.05 12.09 18.86
CA GLY A 268 -25.05 12.81 18.11
C GLY A 268 -24.91 12.72 16.61
N ASP A 269 -26.03 12.82 15.89
CA ASP A 269 -26.04 12.87 14.44
C ASP A 269 -26.21 14.29 13.91
N LYS A 270 -26.60 15.25 14.76
CA LYS A 270 -26.71 16.63 14.32
C LYS A 270 -25.33 17.24 14.11
N VAL A 271 -24.41 17.00 15.03
CA VAL A 271 -23.03 17.46 14.83
C VAL A 271 -22.38 16.67 13.70
N LEU A 272 -22.80 15.42 13.49
CA LEU A 272 -22.25 14.60 12.43
C LEU A 272 -22.45 15.24 11.06
N ALA A 273 -23.67 15.72 10.79
CA ALA A 273 -24.00 16.26 9.49
C ALA A 273 -23.39 17.63 9.24
N ALA A 274 -22.77 18.26 10.26
CA ALA A 274 -22.15 19.56 10.06
C ALA A 274 -20.76 19.44 9.45
N HIS A 275 -20.09 18.30 9.65
CA HIS A 275 -18.80 18.10 8.99
C HIS A 275 -18.96 17.99 7.49
N GLN A 276 -20.12 17.51 7.02
CA GLN A 276 -20.37 17.44 5.59
C GLN A 276 -20.61 18.82 4.97
N ILE A 277 -20.96 19.83 5.77
CA ILE A 277 -21.02 21.21 5.30
C ILE A 277 -19.65 21.87 5.40
N GLY A 278 -18.93 21.58 6.48
CA GLY A 278 -17.56 22.05 6.58
C GLY A 278 -16.68 21.55 5.47
N LEU A 279 -16.99 20.38 4.92
CA LEU A 279 -16.30 19.89 3.74
C LEU A 279 -16.34 20.92 2.62
N ARG A 280 -17.54 21.37 2.25
CA ARG A 280 -17.65 22.34 1.17
C ARG A 280 -17.08 23.70 1.57
N ILE A 281 -17.27 24.09 2.83
CA ILE A 281 -16.73 25.37 3.28
C ILE A 281 -15.22 25.39 3.09
N GLU A 282 -14.54 24.31 3.46
CA GLU A 282 -13.11 24.22 3.25
C GLU A 282 -12.76 23.94 1.80
N SER A 283 -13.71 23.44 1.01
CA SER A 283 -13.40 22.98 -0.34
C SER A 283 -12.79 24.09 -1.20
N ILE A 284 -13.28 25.32 -1.04
CA ILE A 284 -12.74 26.41 -1.85
C ILE A 284 -11.28 26.66 -1.49
N SER A 285 -10.95 26.66 -0.20
CA SER A 285 -9.57 26.86 0.21
C SER A 285 -8.70 25.67 -0.16
N PHE A 286 -9.24 24.46 -0.07
CA PHE A 286 -8.52 23.27 -0.51
C PHE A 286 -8.20 23.37 -1.99
N MET A 287 -9.16 23.86 -2.79
CA MET A 287 -8.94 23.99 -4.22
C MET A 287 -7.89 25.06 -4.52
N ILE A 288 -7.94 26.19 -3.80
CA ILE A 288 -6.96 27.25 -4.00
C ILE A 288 -5.56 26.75 -3.63
N GLY A 289 -5.43 26.16 -2.44
CA GLY A 289 -4.15 25.65 -2.02
C GLY A 289 -3.64 24.51 -2.89
N PHE A 290 -4.54 23.69 -3.44
CA PHE A 290 -4.12 22.63 -4.33
C PHE A 290 -3.66 23.18 -5.68
N GLY A 291 -4.30 24.27 -6.13
CA GLY A 291 -3.81 24.93 -7.32
C GLY A 291 -2.41 25.50 -7.13
N VAL A 292 -2.21 26.25 -6.05
CA VAL A 292 -0.89 26.79 -5.74
C VAL A 292 0.06 25.71 -5.24
N MET A 293 -0.42 24.49 -5.05
CA MET A 293 0.42 23.34 -4.80
C MET A 293 0.93 22.73 -6.09
N ILE A 294 0.04 22.52 -7.06
CA ILE A 294 0.45 22.03 -8.38
C ILE A 294 1.38 23.05 -9.04
N ALA A 295 1.08 24.33 -8.86
CA ALA A 295 1.93 25.36 -9.46
C ALA A 295 3.32 25.37 -8.81
N SER A 296 3.37 25.32 -7.48
CA SER A 296 4.65 25.25 -6.81
C SER A 296 5.40 23.97 -7.16
N THR A 297 4.66 22.88 -7.40
CA THR A 297 5.26 21.65 -7.89
C THR A 297 5.95 21.88 -9.22
N THR A 298 5.24 22.49 -10.17
CA THR A 298 5.82 22.77 -11.47
C THR A 298 7.06 23.65 -11.33
N LEU A 299 6.98 24.68 -10.49
CA LEU A 299 8.10 25.61 -10.33
C LEU A 299 9.32 24.91 -9.75
N ALA A 300 9.14 24.21 -8.63
CA ALA A 300 10.25 23.51 -8.00
C ALA A 300 10.85 22.48 -8.95
N GLY A 301 10.01 21.82 -9.76
CA GLY A 301 10.54 20.85 -10.71
C GLY A 301 11.37 21.50 -11.80
N GLN A 302 10.87 22.60 -12.37
CA GLN A 302 11.62 23.29 -13.42
C GLN A 302 12.89 23.94 -12.89
N ASN A 303 12.96 24.23 -11.59
CA ASN A 303 14.21 24.73 -11.03
C ASN A 303 15.18 23.62 -10.67
N TYR A 304 14.67 22.48 -10.19
CA TYR A 304 15.53 21.37 -9.81
C TYR A 304 16.12 20.70 -11.05
N GLY A 305 15.33 20.56 -12.10
CA GLY A 305 15.84 19.95 -13.33
C GLY A 305 16.91 20.81 -13.99
N ALA A 306 16.73 22.12 -13.96
CA ALA A 306 17.70 23.05 -14.51
C ALA A 306 18.93 23.22 -13.63
N ARG A 307 19.04 22.43 -12.56
CA ARG A 307 20.13 22.58 -11.60
C ARG A 307 20.19 23.99 -11.05
N ASN A 308 19.02 24.57 -10.78
CA ASN A 308 18.88 25.92 -10.26
C ASN A 308 18.20 25.84 -8.89
N TYR A 309 18.93 25.31 -7.91
CA TYR A 309 18.35 24.98 -6.61
C TYR A 309 18.11 26.25 -5.78
N ARG A 310 19.11 27.13 -5.70
CA ARG A 310 18.93 28.39 -5.01
C ARG A 310 17.80 29.21 -5.63
N GLY A 311 17.42 28.91 -6.87
CA GLY A 311 16.26 29.56 -7.45
C GLY A 311 14.96 29.06 -6.85
N MET A 312 14.80 27.72 -6.78
CA MET A 312 13.58 27.16 -6.21
C MET A 312 13.43 27.49 -4.73
N VAL A 313 14.56 27.60 -4.01
CA VAL A 313 14.48 28.01 -2.60
C VAL A 313 13.68 29.31 -2.48
N HIS A 314 14.18 30.38 -3.10
CA HIS A 314 13.53 31.67 -3.03
C HIS A 314 12.15 31.67 -3.69
N ALA A 315 11.99 30.89 -4.77
CA ALA A 315 10.70 30.84 -5.45
C ALA A 315 9.61 30.30 -4.53
N VAL A 316 9.84 29.12 -3.95
CA VAL A 316 8.83 28.55 -3.05
C VAL A 316 8.71 29.40 -1.79
N ASN A 317 9.80 30.06 -1.36
CA ASN A 317 9.70 30.94 -0.20
C ASN A 317 8.71 32.06 -0.45
N THR A 318 8.85 32.74 -1.59
CA THR A 318 7.96 33.87 -1.88
C THR A 318 6.54 33.39 -2.16
N SER A 319 6.39 32.27 -2.86
CA SER A 319 5.06 31.73 -3.12
C SER A 319 4.35 31.38 -1.83
N ALA A 320 5.08 30.81 -0.87
CA ALA A 320 4.49 30.51 0.43
C ALA A 320 4.14 31.80 1.17
N HIS A 321 5.03 32.79 1.14
CA HIS A 321 4.76 34.05 1.83
C HIS A 321 3.50 34.73 1.29
N PHE A 322 3.22 34.54 0.00
CA PHE A 322 2.05 35.20 -0.58
C PHE A 322 0.78 34.37 -0.36
N THR A 323 0.86 33.06 -0.60
CA THR A 323 -0.32 32.22 -0.39
C THR A 323 -0.70 32.15 1.08
N ALA A 324 0.25 32.38 1.99
CA ALA A 324 -0.08 32.42 3.41
C ALA A 324 -0.88 33.67 3.74
N LEU A 325 -0.58 34.79 3.09
CA LEU A 325 -1.40 35.99 3.28
C LEU A 325 -2.80 35.79 2.71
N VAL A 326 -2.89 35.20 1.52
CA VAL A 326 -4.20 34.91 0.92
C VAL A 326 -5.01 34.01 1.86
N MET A 327 -4.38 32.96 2.37
CA MET A 327 -5.09 32.04 3.25
C MET A 327 -5.41 32.68 4.59
N SER A 328 -4.56 33.59 5.08
CA SER A 328 -4.89 34.34 6.28
C SER A 328 -6.18 35.12 6.09
N LEU A 329 -6.28 35.82 4.95
CA LEU A 329 -7.49 36.58 4.66
C LEU A 329 -8.72 35.66 4.58
N THR A 330 -8.58 34.51 3.91
CA THR A 330 -9.73 33.63 3.73
C THR A 330 -10.17 33.00 5.05
N GLY A 331 -9.23 32.38 5.77
CA GLY A 331 -9.52 31.83 7.08
C GLY A 331 -9.96 32.87 8.09
N LEU A 332 -9.67 34.15 7.84
CA LEU A 332 -10.20 35.20 8.68
C LEU A 332 -11.65 35.51 8.30
N ILE A 333 -11.98 35.45 7.01
CA ILE A 333 -13.37 35.49 6.60
C ILE A 333 -14.17 34.42 7.33
N LEU A 334 -13.60 33.22 7.42
CA LEU A 334 -14.28 32.13 8.14
C LEU A 334 -14.58 32.53 9.59
N ILE A 335 -13.59 33.05 10.30
CA ILE A 335 -13.80 33.42 11.70
C ILE A 335 -14.82 34.54 11.82
N LEU A 336 -14.70 35.57 10.99
CA LEU A 336 -15.51 36.77 11.14
C LEU A 336 -16.93 36.62 10.62
N PHE A 337 -17.18 35.67 9.72
CA PHE A 337 -18.52 35.44 9.18
C PHE A 337 -18.88 33.99 9.42
N PRO A 338 -19.28 33.62 10.65
CA PRO A 338 -19.67 32.23 10.92
C PRO A 338 -20.95 31.84 10.19
N HIS A 339 -22.10 32.17 10.81
CA HIS A 339 -23.39 31.74 10.28
C HIS A 339 -23.65 32.26 8.88
N TYR A 340 -23.12 33.45 8.58
CA TYR A 340 -23.40 34.14 7.33
C TYR A 340 -22.65 33.54 6.13
N LEU A 341 -22.47 32.22 6.13
CA LEU A 341 -21.95 31.41 5.03
C LEU A 341 -22.69 30.08 4.94
N VAL A 342 -23.56 29.82 5.89
CA VAL A 342 -24.26 28.55 5.96
C VAL A 342 -25.77 28.73 5.94
N TYR A 343 -26.29 29.96 6.03
CA TYR A 343 -27.74 30.17 6.06
C TYR A 343 -28.46 29.44 4.93
N PRO A 344 -28.07 29.55 3.66
CA PRO A 344 -28.78 28.78 2.63
C PRO A 344 -28.71 27.28 2.86
N PHE A 345 -27.64 26.78 3.47
CA PHE A 345 -27.47 25.35 3.69
C PHE A 345 -28.41 24.84 4.77
N SER A 346 -28.17 25.25 6.02
CA SER A 346 -28.98 24.84 7.16
C SER A 346 -29.59 26.06 7.83
N ARG A 347 -30.78 25.85 8.43
CA ARG A 347 -31.57 26.93 9.02
C ARG A 347 -32.36 26.40 10.21
N ASP A 348 -31.65 26.08 11.30
CA ASP A 348 -32.27 25.47 12.45
C ASP A 348 -31.36 25.65 13.66
N PRO A 349 -31.89 25.58 14.87
CA PRO A 349 -31.05 25.73 16.06
C PRO A 349 -30.15 24.53 16.29
N GLU A 350 -29.07 24.78 17.06
CA GLU A 350 -28.05 23.78 17.38
C GLU A 350 -27.40 23.24 16.09
N VAL A 351 -27.19 24.13 15.13
CA VAL A 351 -26.44 23.76 13.94
C VAL A 351 -25.51 24.91 13.58
N ILE A 352 -26.08 26.10 13.39
CA ILE A 352 -25.27 27.29 13.15
C ILE A 352 -24.17 27.41 14.20
N GLU A 353 -24.49 27.02 15.44
CA GLU A 353 -23.49 26.95 16.50
C GLU A 353 -22.32 26.06 16.11
N TRP A 354 -22.61 24.85 15.65
CA TRP A 354 -21.53 23.87 15.45
C TRP A 354 -20.71 24.19 14.22
N ALA A 355 -21.37 24.47 13.09
CA ALA A 355 -20.63 24.91 11.91
C ALA A 355 -19.84 26.17 12.21
N SER A 356 -20.40 27.08 13.01
CA SER A 356 -19.71 28.32 13.35
C SER A 356 -18.45 28.04 14.14
N TYR A 357 -18.58 27.31 15.26
CA TYR A 357 -17.41 26.94 16.05
C TYR A 357 -16.40 26.19 15.20
N TYR A 358 -16.87 25.39 14.25
CA TYR A 358 -15.98 24.70 13.32
C TYR A 358 -15.14 25.71 12.55
N LEU A 359 -15.81 26.67 11.89
CA LEU A 359 -15.10 27.65 11.07
C LEU A 359 -14.14 28.48 11.92
N GLN A 360 -14.62 28.95 13.08
CA GLN A 360 -13.79 29.78 13.95
C GLN A 360 -12.58 29.01 14.45
N ILE A 361 -12.73 27.70 14.65
CA ILE A 361 -11.60 26.87 15.08
C ILE A 361 -10.66 26.61 13.92
N VAL A 362 -11.20 26.31 12.73
CA VAL A 362 -10.37 26.06 11.55
C VAL A 362 -9.94 27.34 10.84
N GLY A 363 -10.44 28.50 11.28
CA GLY A 363 -9.97 29.74 10.69
C GLY A 363 -8.49 29.97 10.94
N ILE A 364 -8.04 29.71 12.17
CA ILE A 364 -6.66 30.01 12.53
C ILE A 364 -5.69 29.17 11.71
N SER A 365 -6.03 27.91 11.47
CA SER A 365 -5.11 26.98 10.82
C SER A 365 -5.25 26.98 9.31
N GLN A 366 -5.42 28.14 8.70
CA GLN A 366 -5.46 28.20 7.24
C GLN A 366 -4.12 28.65 6.65
N PRO A 367 -3.41 29.62 7.25
CA PRO A 367 -2.01 29.86 6.81
C PRO A 367 -1.15 28.60 6.87
N ALA A 368 -1.33 27.81 7.92
CA ALA A 368 -0.58 26.56 8.03
C ALA A 368 -0.89 25.63 6.86
N MET A 369 -2.14 25.61 6.41
CA MET A 369 -2.47 24.82 5.23
C MET A 369 -1.76 25.36 3.99
N ALA A 370 -1.58 26.67 3.90
CA ALA A 370 -0.81 27.22 2.80
C ALA A 370 0.63 26.70 2.82
N TYR A 371 1.29 26.79 3.98
CA TYR A 371 2.66 26.30 4.06
C TYR A 371 2.73 24.80 3.78
N ALA A 372 1.83 24.02 4.37
CA ALA A 372 1.87 22.58 4.22
C ALA A 372 1.49 22.13 2.82
N SER A 373 0.72 22.94 2.08
CA SER A 373 0.46 22.62 0.70
C SER A 373 1.66 22.97 -0.17
N ILE A 374 2.18 24.19 -0.02
CA ILE A 374 3.28 24.65 -0.87
C ILE A 374 4.50 23.76 -0.71
N TYR A 375 4.96 23.54 0.52
CA TYR A 375 6.23 22.84 0.69
C TYR A 375 6.13 21.39 0.24
N SER A 376 4.99 20.73 0.54
CA SER A 376 4.78 19.35 0.14
C SER A 376 4.67 19.22 -1.37
N GLY A 377 3.98 20.15 -2.02
CA GLY A 377 3.92 20.14 -3.47
C GLY A 377 5.24 20.50 -4.12
N ALA A 378 6.07 21.27 -3.41
CA ALA A 378 7.36 21.66 -3.95
C ALA A 378 8.33 20.48 -3.94
N LEU A 379 8.34 19.72 -2.85
CA LEU A 379 9.18 18.51 -2.83
C LEU A 379 8.74 17.52 -3.90
N LYS A 380 7.42 17.36 -4.08
CA LYS A 380 6.91 16.51 -5.16
C LYS A 380 7.55 16.86 -6.49
N GLY A 381 7.49 18.13 -6.87
CA GLY A 381 8.17 18.57 -8.09
C GLY A 381 9.67 18.36 -8.05
N MET A 382 10.27 18.51 -6.87
CA MET A 382 11.71 18.28 -6.73
C MET A 382 12.06 16.80 -6.85
N GLY A 383 11.09 15.90 -6.68
CA GLY A 383 11.31 14.48 -6.78
C GLY A 383 11.13 13.71 -5.49
N LYS A 384 11.04 14.41 -4.36
CA LYS A 384 10.89 13.75 -3.06
C LYS A 384 9.43 13.34 -2.83
N THR A 385 8.92 12.53 -3.77
CA THR A 385 7.51 12.13 -3.72
C THR A 385 7.23 11.12 -2.62
N HIS A 386 8.25 10.49 -2.05
CA HIS A 386 8.05 9.59 -0.92
C HIS A 386 7.93 10.33 0.41
N ILE A 387 8.17 11.63 0.43
CA ILE A 387 8.12 12.45 1.64
C ILE A 387 6.69 12.70 2.11
N PRO A 388 5.73 13.06 1.22
CA PRO A 388 4.39 13.43 1.72
C PRO A 388 3.73 12.38 2.61
N LEU A 389 3.74 11.11 2.23
CA LEU A 389 3.13 10.10 3.09
C LEU A 389 3.92 9.90 4.38
N PHE A 390 5.14 10.42 4.46
CA PHE A 390 5.93 10.40 5.68
C PHE A 390 5.85 11.71 6.44
N VAL A 391 5.06 12.67 5.99
CA VAL A 391 4.78 13.87 6.77
C VAL A 391 3.28 13.99 6.96
N ASN A 392 2.49 13.45 6.05
CA ASN A 392 1.04 13.49 6.23
C ASN A 392 0.57 12.35 7.12
N ILE A 393 0.92 11.11 6.76
CA ILE A 393 0.48 9.97 7.56
C ILE A 393 1.24 9.92 8.89
N SER A 394 2.52 10.31 8.88
CA SER A 394 3.29 10.28 10.12
C SER A 394 2.90 11.41 11.06
N SER A 395 2.48 12.56 10.52
CA SER A 395 1.91 13.60 11.36
C SER A 395 0.59 13.09 11.90
N PHE A 396 -0.46 13.26 11.08
CA PHE A 396 -1.85 12.89 11.33
C PHE A 396 -1.99 12.26 12.70
N TRP A 397 -1.93 10.93 12.75
CA TRP A 397 -2.09 10.17 13.99
C TRP A 397 -1.37 10.81 15.16
N LEU A 398 -0.03 10.95 15.08
CA LEU A 398 0.74 11.37 16.26
C LEU A 398 0.25 12.68 16.86
N PHE A 399 -0.41 13.55 16.09
CA PHE A 399 -0.82 14.86 16.60
C PHE A 399 -2.31 15.16 16.51
N ARG A 400 -3.03 14.63 15.51
CA ARG A 400 -4.49 14.65 15.52
C ARG A 400 -5.03 13.29 15.13
N ILE A 401 -6.21 12.96 15.69
CA ILE A 401 -6.81 11.62 15.80
C ILE A 401 -6.31 10.93 17.09
N ILE A 402 -5.03 10.58 17.15
CA ILE A 402 -4.53 9.89 18.35
C ILE A 402 -4.75 10.72 19.60
N PRO A 403 -4.30 11.98 19.69
CA PRO A 403 -4.50 12.74 20.94
C PRO A 403 -5.96 13.03 21.23
N SER A 404 -6.80 13.14 20.20
CA SER A 404 -8.25 13.23 20.41
C SER A 404 -8.91 11.88 20.57
N TYR A 405 -8.18 10.79 20.34
CA TYR A 405 -8.64 9.43 20.64
C TYR A 405 -8.13 8.98 22.02
N PHE A 406 -7.67 9.94 22.82
CA PHE A 406 -7.13 9.67 24.15
C PHE A 406 -7.68 10.71 25.12
N LEU A 407 -7.74 11.97 24.69
CA LEU A 407 -8.30 13.00 25.56
C LEU A 407 -9.82 12.93 25.61
N LEU A 408 -10.46 12.47 24.52
CA LEU A 408 -11.92 12.52 24.36
C LEU A 408 -12.69 11.71 25.40
N LYS A 409 -12.01 11.17 26.41
CA LYS A 409 -12.69 10.54 27.52
C LYS A 409 -12.81 11.47 28.73
N VAL A 410 -12.30 12.69 28.62
CA VAL A 410 -12.47 13.73 29.64
C VAL A 410 -13.49 14.76 29.18
N ILE A 411 -13.29 15.34 28.00
CA ILE A 411 -14.16 16.37 27.44
C ILE A 411 -15.10 15.71 26.44
N HIS A 412 -16.40 15.77 26.73
CA HIS A 412 -17.41 15.17 25.85
C HIS A 412 -18.08 16.27 25.03
N SER A 413 -17.31 16.81 24.09
CA SER A 413 -17.78 17.87 23.21
C SER A 413 -16.96 17.82 21.92
N PRO A 414 -17.57 18.11 20.78
CA PRO A 414 -16.85 17.96 19.49
C PRO A 414 -15.80 19.05 19.24
N LEU A 415 -15.57 19.92 20.22
CA LEU A 415 -14.52 20.92 20.05
C LEU A 415 -13.12 20.33 20.14
N VAL A 416 -12.99 19.15 20.73
CA VAL A 416 -11.67 18.52 20.89
C VAL A 416 -11.10 18.13 19.53
N PRO A 417 -11.80 17.33 18.70
CA PRO A 417 -11.19 16.97 17.40
C PRO A 417 -10.91 18.17 16.53
N TRP A 418 -11.73 19.21 16.60
CA TRP A 418 -11.55 20.38 15.74
C TRP A 418 -10.38 21.25 16.21
N GLY A 419 -10.32 21.54 17.51
CA GLY A 419 -9.18 22.27 18.03
C GLY A 419 -7.87 21.54 17.80
N PHE A 420 -7.90 20.21 17.93
CA PHE A 420 -6.68 19.44 17.69
C PHE A 420 -6.33 19.43 16.22
N MET A 421 -7.34 19.35 15.34
CA MET A 421 -7.16 19.58 13.92
C MET A 421 -6.38 20.86 13.66
N THR A 422 -6.81 21.94 14.31
CA THR A 422 -6.20 23.25 14.08
C THR A 422 -4.76 23.27 14.57
N PHE A 423 -4.51 22.69 15.75
CA PHE A 423 -3.13 22.63 16.27
C PHE A 423 -2.24 21.74 15.40
N GLU A 424 -2.81 20.66 14.86
CA GLU A 424 -1.99 19.69 14.15
C GLU A 424 -1.61 20.19 12.77
N THR A 425 -2.52 20.92 12.12
CA THR A 425 -2.14 21.53 10.85
C THR A 425 -0.97 22.49 11.03
N ALA A 426 -0.88 23.14 12.20
CA ALA A 426 0.27 23.98 12.50
C ALA A 426 1.53 23.14 12.65
N VAL A 427 1.49 22.11 13.49
CA VAL A 427 2.72 21.33 13.70
C VAL A 427 3.10 20.54 12.44
N ARG A 428 2.15 20.26 11.57
CA ARG A 428 2.44 19.68 10.26
C ARG A 428 3.06 20.73 9.33
N ALA A 429 2.63 22.00 9.47
CA ALA A 429 3.20 23.06 8.66
C ALA A 429 4.64 23.35 9.04
N LEU A 430 5.02 23.07 10.29
CA LEU A 430 6.42 23.18 10.68
C LEU A 430 7.15 21.85 10.65
N PHE A 431 6.47 20.79 10.23
CA PHE A 431 7.19 19.64 9.71
C PHE A 431 7.82 20.02 8.38
N TYR A 432 6.95 20.31 7.40
CA TYR A 432 7.38 20.57 6.03
C TYR A 432 8.51 21.59 5.96
N TYR A 433 8.33 22.73 6.65
CA TYR A 433 9.35 23.77 6.63
C TYR A 433 10.68 23.21 7.13
N THR A 434 10.67 22.56 8.29
CA THR A 434 11.92 22.10 8.90
C THR A 434 12.49 20.85 8.24
N VAL A 435 11.75 20.22 7.32
CA VAL A 435 12.32 19.15 6.49
C VAL A 435 12.64 19.62 5.08
N PHE A 436 12.28 20.85 4.72
CA PHE A 436 12.66 21.47 3.46
C PHE A 436 14.05 22.08 3.54
N LYS A 437 14.29 22.85 4.61
CA LYS A 437 15.57 23.48 4.86
C LYS A 437 16.72 22.48 4.78
N LYS A 438 16.55 21.31 5.39
CA LYS A 438 17.63 20.35 5.48
C LYS A 438 17.82 19.55 4.21
N VAL A 439 16.74 19.32 3.45
CA VAL A 439 16.89 18.68 2.15
C VAL A 439 17.69 19.54 1.20
N VAL A 440 17.39 20.85 1.16
CA VAL A 440 18.16 21.71 0.27
C VAL A 440 19.59 21.93 0.76
N GLY A 441 19.88 21.60 2.02
CA GLY A 441 21.24 21.81 2.53
C GLY A 441 22.26 20.93 1.84
N LYS A 442 21.95 19.64 1.68
CA LYS A 442 22.86 18.73 0.98
C LYS A 442 22.99 19.07 -0.49
N LEU A 443 21.99 19.75 -1.07
CA LEU A 443 22.07 20.14 -2.47
C LEU A 443 23.08 21.26 -2.70
N LEU A 444 23.39 22.04 -1.68
CA LEU A 444 24.33 23.14 -1.81
C LEU A 444 25.65 22.83 -1.10
N ILE B 5 31.60 -12.55 1.93
CA ILE B 5 32.04 -13.75 2.61
C ILE B 5 32.50 -14.77 1.56
N VAL B 6 31.99 -14.60 0.34
CA VAL B 6 32.33 -15.42 -0.81
C VAL B 6 33.07 -14.56 -1.84
N ASN B 7 34.26 -14.98 -2.21
CA ASN B 7 35.13 -14.21 -3.09
C ASN B 7 34.77 -14.48 -4.55
N PRO B 8 35.23 -13.61 -5.48
CA PRO B 8 34.78 -13.72 -6.87
C PRO B 8 35.24 -14.95 -7.64
N ASN B 9 35.71 -16.01 -6.96
CA ASN B 9 36.15 -17.18 -7.70
C ASN B 9 36.14 -18.45 -6.86
N GLU B 10 35.25 -18.55 -5.88
CA GLU B 10 35.14 -19.80 -5.15
C GLU B 10 34.59 -20.87 -6.10
N PRO B 11 35.23 -22.03 -6.20
CA PRO B 11 34.66 -23.11 -7.02
C PRO B 11 33.31 -23.54 -6.46
N TYR B 12 32.27 -23.40 -7.29
CA TYR B 12 30.85 -23.60 -6.94
C TYR B 12 30.64 -24.51 -5.74
N LEU B 13 31.28 -25.68 -5.76
CA LEU B 13 31.17 -26.62 -4.64
C LEU B 13 31.47 -25.94 -3.32
N SER B 14 32.41 -24.98 -3.31
CA SER B 14 32.81 -24.34 -2.07
C SER B 14 31.65 -23.55 -1.45
N VAL B 15 30.87 -22.86 -2.28
CA VAL B 15 29.75 -22.08 -1.77
C VAL B 15 28.47 -22.91 -1.70
N ILE B 16 28.26 -23.81 -2.67
CA ILE B 16 27.11 -24.70 -2.62
C ILE B 16 27.11 -25.50 -1.33
N LYS B 17 28.30 -25.78 -0.78
CA LYS B 17 28.37 -26.38 0.54
C LYS B 17 28.13 -25.35 1.63
N LYS B 18 28.46 -24.09 1.39
CA LYS B 18 28.32 -23.04 2.39
C LYS B 18 27.02 -22.26 2.25
N VAL B 19 26.15 -22.63 1.32
CA VAL B 19 24.81 -22.06 1.25
C VAL B 19 23.77 -23.04 1.77
N VAL B 20 23.94 -24.33 1.48
CA VAL B 20 23.07 -25.34 2.08
C VAL B 20 23.42 -25.57 3.54
N LYS B 21 24.62 -25.20 3.96
CA LYS B 21 24.96 -25.22 5.38
C LYS B 21 24.16 -24.16 6.13
N LEU B 22 23.94 -23.01 5.50
CA LEU B 22 23.26 -21.90 6.14
C LEU B 22 21.76 -21.88 5.86
N SER B 23 21.33 -22.34 4.68
CA SER B 23 19.92 -22.28 4.35
C SER B 23 19.12 -23.33 5.10
N ILE B 24 19.75 -24.43 5.51
CA ILE B 24 19.00 -25.52 6.14
C ILE B 24 18.33 -25.10 7.44
N PRO B 25 18.98 -24.37 8.36
CA PRO B 25 18.24 -23.90 9.54
C PRO B 25 17.03 -23.06 9.19
N ILE B 26 17.13 -22.20 8.18
CA ILE B 26 15.96 -21.45 7.74
C ILE B 26 14.89 -22.40 7.21
N ILE B 27 15.32 -23.47 6.53
CA ILE B 27 14.36 -24.44 6.03
C ILE B 27 13.68 -25.17 7.18
N VAL B 28 14.39 -25.41 8.28
CA VAL B 28 13.79 -26.08 9.42
C VAL B 28 12.85 -25.14 10.17
N VAL B 29 13.14 -23.83 10.16
CA VAL B 29 12.20 -22.87 10.73
C VAL B 29 10.94 -22.78 9.88
N ASN B 30 11.10 -22.83 8.55
CA ASN B 30 9.95 -22.75 7.66
C ASN B 30 9.11 -24.01 7.74
N LEU B 31 9.75 -25.17 7.64
CA LEU B 31 9.16 -26.44 8.07
C LEU B 31 8.94 -26.37 9.58
N LEU B 32 8.44 -27.45 10.17
CA LEU B 32 8.06 -27.44 11.58
C LEU B 32 6.97 -26.41 11.86
N TYR B 33 7.04 -25.24 11.24
CA TYR B 33 5.88 -24.35 11.23
C TYR B 33 4.72 -24.99 10.47
N THR B 34 5.02 -25.68 9.37
CA THR B 34 4.01 -26.47 8.69
C THR B 34 3.40 -27.50 9.63
N VAL B 35 4.24 -28.17 10.42
CA VAL B 35 3.75 -29.16 11.37
C VAL B 35 2.95 -28.50 12.48
N GLU B 36 3.39 -27.34 12.95
CA GLU B 36 2.64 -26.58 13.94
C GLU B 36 1.23 -26.31 13.46
N ASN B 37 1.10 -25.75 12.25
CA ASN B 37 -0.22 -25.41 11.74
C ASN B 37 -1.05 -26.65 11.44
N MET B 38 -0.41 -27.71 10.93
CA MET B 38 -1.13 -28.96 10.67
C MET B 38 -1.70 -29.54 11.95
N ILE B 39 -0.85 -29.66 12.97
CA ILE B 39 -1.27 -30.26 14.24
C ILE B 39 -2.29 -29.38 14.93
N SER B 40 -2.17 -28.06 14.81
CA SER B 40 -3.18 -27.17 15.38
C SER B 40 -4.51 -27.33 14.67
N MET B 41 -4.50 -27.43 13.33
CA MET B 41 -5.72 -27.69 12.58
C MET B 41 -6.34 -29.01 13.00
N ILE B 42 -5.52 -30.03 13.24
CA ILE B 42 -6.07 -31.33 13.63
C ILE B 42 -6.66 -31.27 15.03
N LEU B 43 -5.95 -30.63 15.97
CA LEU B 43 -6.46 -30.51 17.33
C LEU B 43 -7.77 -29.76 17.37
N VAL B 44 -7.89 -28.69 16.57
CA VAL B 44 -9.16 -27.99 16.50
C VAL B 44 -10.20 -28.81 15.75
N SER B 45 -9.76 -29.66 14.82
CA SER B 45 -10.65 -30.57 14.11
C SER B 45 -11.17 -31.69 15.00
N SER B 46 -10.55 -31.90 16.15
CA SER B 46 -11.07 -32.88 17.10
C SER B 46 -12.40 -32.46 17.72
N ILE B 47 -12.82 -31.20 17.55
CA ILE B 47 -14.05 -30.73 18.18
C ILE B 47 -15.05 -30.31 17.11
N SER B 48 -15.46 -29.03 17.14
CA SER B 48 -16.58 -28.53 16.36
C SER B 48 -16.20 -28.32 14.90
N PRO B 49 -17.14 -28.53 13.98
CA PRO B 49 -16.86 -28.17 12.58
C PRO B 49 -16.75 -26.67 12.38
N SER B 50 -17.61 -25.90 13.06
CA SER B 50 -17.46 -24.45 13.07
C SER B 50 -16.09 -24.04 13.60
N ALA B 51 -15.53 -24.80 14.54
CA ALA B 51 -14.18 -24.54 15.00
C ALA B 51 -13.18 -24.73 13.87
N VAL B 52 -13.33 -25.79 13.08
CA VAL B 52 -12.44 -26.02 11.94
C VAL B 52 -12.51 -24.85 10.98
N ALA B 53 -13.72 -24.46 10.60
CA ALA B 53 -13.88 -23.36 9.64
C ALA B 53 -13.32 -22.06 10.19
N ALA B 54 -13.61 -21.76 11.46
CA ALA B 54 -13.14 -20.51 12.06
C ALA B 54 -11.63 -20.47 12.13
N THR B 55 -10.99 -21.55 12.56
CA THR B 55 -9.54 -21.58 12.65
C THR B 55 -8.91 -21.49 11.26
N GLY B 56 -9.50 -22.16 10.27
CA GLY B 56 -8.97 -22.08 8.92
C GLY B 56 -9.00 -20.67 8.36
N PHE B 57 -10.17 -20.04 8.44
CA PHE B 57 -10.28 -18.67 7.94
C PHE B 57 -9.49 -17.67 8.80
N SER B 58 -9.25 -17.99 10.08
CA SER B 58 -8.43 -17.12 10.91
C SER B 58 -6.97 -17.18 10.47
N LEU B 59 -6.42 -18.39 10.32
CA LEU B 59 -5.03 -18.52 9.89
C LEU B 59 -4.84 -17.98 8.48
N SER B 60 -5.84 -18.15 7.61
CA SER B 60 -5.74 -17.57 6.28
C SER B 60 -5.93 -16.05 6.32
N LEU B 61 -6.59 -15.52 7.36
CA LEU B 61 -6.68 -14.08 7.54
C LEU B 61 -5.45 -13.56 8.28
N LEU B 62 -4.96 -14.30 9.27
CA LEU B 62 -3.74 -13.90 9.97
C LEU B 62 -2.51 -13.96 9.09
N TRP B 63 -2.62 -14.48 7.86
CA TRP B 63 -1.59 -14.24 6.86
C TRP B 63 -1.56 -12.77 6.45
N PHE B 64 -2.74 -12.17 6.27
CA PHE B 64 -2.80 -10.76 5.91
C PHE B 64 -2.45 -9.86 7.09
N ILE B 65 -2.92 -10.21 8.30
CA ILE B 65 -2.61 -9.41 9.47
C ILE B 65 -1.10 -9.38 9.72
N TYR B 66 -0.40 -10.45 9.39
CA TYR B 66 1.05 -10.50 9.57
C TYR B 66 1.81 -9.77 8.46
N SER B 67 1.13 -9.18 7.49
CA SER B 67 1.85 -8.47 6.44
C SER B 67 2.50 -7.20 6.97
N LEU B 68 1.93 -6.60 8.02
CA LEU B 68 2.58 -5.51 8.73
C LEU B 68 3.67 -6.00 9.66
N MET B 69 4.12 -7.25 9.48
CA MET B 69 5.15 -7.84 10.32
C MET B 69 6.52 -7.85 9.67
N ALA B 70 6.60 -7.72 8.35
CA ALA B 70 7.87 -7.65 7.66
C ALA B 70 8.57 -6.31 7.85
N LEU B 71 7.81 -5.25 8.18
CA LEU B 71 8.41 -3.93 8.35
C LEU B 71 9.50 -3.94 9.41
N SER B 72 9.27 -4.67 10.51
CA SER B 72 10.35 -4.86 11.48
C SER B 72 11.33 -5.93 11.02
N TYR B 73 10.85 -6.95 10.32
CA TYR B 73 11.73 -8.01 9.84
C TYR B 73 12.63 -7.48 8.72
N SER B 74 12.03 -7.07 7.60
CA SER B 74 12.81 -6.61 6.46
C SER B 74 13.69 -5.41 6.83
N GLY B 75 13.25 -4.59 7.78
CA GLY B 75 14.08 -3.48 8.21
C GLY B 75 15.34 -3.93 8.93
N THR B 76 15.27 -5.03 9.67
CA THR B 76 16.41 -5.55 10.40
C THR B 76 17.11 -6.72 9.71
N ASN B 77 16.39 -7.45 8.84
CA ASN B 77 17.01 -8.54 8.10
C ASN B 77 18.02 -8.00 7.10
N ILE B 78 17.62 -6.99 6.33
CA ILE B 78 18.50 -6.44 5.29
C ILE B 78 19.65 -5.66 5.92
N LEU B 79 19.33 -4.65 6.73
CA LEU B 79 20.34 -3.73 7.24
C LEU B 79 21.50 -4.48 7.88
N ILE B 80 21.20 -5.32 8.87
CA ILE B 80 22.24 -6.06 9.58
C ILE B 80 23.12 -6.81 8.60
N ALA B 81 22.52 -7.41 7.57
CA ALA B 81 23.30 -8.13 6.57
C ALA B 81 24.42 -7.26 6.02
N GLN B 82 24.10 -6.02 5.64
CA GLN B 82 25.14 -5.11 5.18
C GLN B 82 26.04 -4.68 6.34
N PHE B 83 25.44 -4.40 7.50
CA PHE B 83 26.23 -3.88 8.62
C PHE B 83 27.26 -4.89 9.09
N VAL B 84 26.89 -6.18 9.12
CA VAL B 84 27.85 -7.20 9.44
C VAL B 84 28.82 -7.40 8.28
N GLY B 85 28.34 -7.22 7.05
CA GLY B 85 29.21 -7.39 5.90
C GLY B 85 30.28 -6.32 5.81
N ALA B 86 29.94 -5.07 6.12
CA ALA B 86 30.89 -3.96 6.10
C ALA B 86 31.60 -3.79 7.43
N LYS B 87 31.74 -4.87 8.21
CA LYS B 87 32.35 -4.89 9.54
C LYS B 87 32.08 -3.60 10.33
N LYS B 88 30.83 -3.16 10.33
CA LYS B 88 30.38 -2.00 11.09
C LYS B 88 29.50 -2.49 12.24
N ASP B 89 29.52 -1.74 13.33
CA ASP B 89 28.79 -2.12 14.55
C ASP B 89 27.29 -2.15 14.30
N PRO B 90 26.63 -3.31 14.43
CA PRO B 90 25.19 -3.39 14.13
C PRO B 90 24.29 -3.48 15.36
N SER B 91 24.82 -3.15 16.54
CA SER B 91 24.03 -3.26 17.77
C SER B 91 22.93 -2.21 17.87
N PRO B 92 23.17 -0.92 17.62
CA PRO B 92 22.07 0.05 17.69
C PRO B 92 20.96 -0.25 16.70
N ILE B 93 21.31 -0.79 15.53
CA ILE B 93 20.28 -1.27 14.60
C ILE B 93 19.45 -2.36 15.26
N LEU B 94 20.09 -3.24 16.01
CA LEU B 94 19.35 -4.29 16.71
C LEU B 94 18.32 -3.69 17.65
N ILE B 95 18.74 -2.78 18.53
CA ILE B 95 17.80 -2.28 19.53
C ILE B 95 16.71 -1.45 18.85
N ASN B 96 17.07 -0.62 17.85
CA ASN B 96 16.08 0.18 17.16
C ASN B 96 15.20 -0.65 16.23
N GLY B 97 15.53 -1.92 16.01
CA GLY B 97 14.66 -2.81 15.25
C GLY B 97 13.71 -3.58 16.13
N LEU B 98 14.22 -4.10 17.25
CA LEU B 98 13.32 -4.70 18.24
C LEU B 98 12.34 -3.67 18.76
N PHE B 99 12.85 -2.61 19.38
CA PHE B 99 11.98 -1.46 19.65
C PHE B 99 11.65 -0.84 18.31
N LEU B 100 10.52 -1.25 17.76
CA LEU B 100 9.95 -0.77 16.50
C LEU B 100 8.75 -1.67 16.25
N SER B 101 8.98 -2.97 16.28
CA SER B 101 7.89 -3.94 16.22
C SER B 101 6.89 -3.73 17.35
N PHE B 102 7.38 -3.74 18.59
CA PHE B 102 6.55 -3.43 19.75
C PHE B 102 5.80 -2.12 19.56
N LEU B 103 6.55 -1.04 19.32
CA LEU B 103 6.00 0.29 19.11
C LEU B 103 4.95 0.32 18.00
N ILE B 104 5.06 -0.59 17.02
CA ILE B 104 4.22 -0.56 15.83
C ILE B 104 3.19 -1.68 15.85
N SER B 105 3.11 -2.42 16.95
CA SER B 105 2.22 -3.55 17.11
C SER B 105 1.02 -3.25 17.98
N LEU B 106 1.12 -2.24 18.85
CA LEU B 106 -0.04 -1.82 19.64
C LEU B 106 -1.21 -1.36 18.77
N PRO B 107 -1.00 -0.76 17.58
CA PRO B 107 -2.12 -0.67 16.62
C PRO B 107 -2.84 -1.99 16.39
N LEU B 108 -2.14 -3.13 16.48
CA LEU B 108 -2.82 -4.42 16.44
C LEU B 108 -3.36 -4.81 17.81
N PHE B 109 -2.70 -4.40 18.89
CA PHE B 109 -3.29 -4.43 20.21
C PHE B 109 -4.51 -3.51 20.23
N PHE B 110 -5.29 -3.61 21.31
CA PHE B 110 -6.50 -2.80 21.45
C PHE B 110 -7.40 -2.98 20.22
N TYR B 111 -7.54 -1.92 19.42
CA TYR B 111 -8.40 -2.02 18.24
C TYR B 111 -7.74 -2.87 17.16
N GLY B 112 -8.06 -4.16 17.14
CA GLY B 112 -7.51 -5.08 16.18
C GLY B 112 -8.12 -6.46 16.33
N LYS B 113 -8.65 -6.73 17.53
CA LYS B 113 -9.35 -7.99 17.78
C LYS B 113 -10.72 -7.99 17.13
N ASP B 114 -11.50 -6.92 17.32
CA ASP B 114 -12.79 -6.81 16.66
C ASP B 114 -12.64 -6.54 15.16
N PHE B 115 -11.48 -6.02 14.73
CA PHE B 115 -11.21 -5.83 13.32
C PHE B 115 -11.40 -7.12 12.53
N VAL B 116 -10.98 -8.24 13.11
CA VAL B 116 -11.11 -9.53 12.43
C VAL B 116 -12.58 -9.90 12.26
N LEU B 117 -13.35 -9.82 13.35
CA LEU B 117 -14.79 -10.04 13.28
C LEU B 117 -15.42 -9.11 12.24
N PHE B 118 -14.98 -7.85 12.22
CA PHE B 118 -15.47 -6.90 11.23
C PHE B 118 -15.24 -7.42 9.81
N LEU B 119 -14.03 -7.88 9.53
CA LEU B 119 -13.67 -8.31 8.18
C LEU B 119 -14.17 -9.72 7.86
N MET B 120 -14.71 -10.45 8.82
CA MET B 120 -15.11 -11.84 8.60
C MET B 120 -16.54 -11.97 8.08
N LYS B 121 -16.96 -11.08 7.18
CA LYS B 121 -18.27 -11.19 6.55
C LYS B 121 -18.16 -10.98 5.04
N GLU B 127 -22.56 -17.61 12.48
CA GLU B 127 -22.63 -16.66 13.58
C GLU B 127 -21.82 -17.21 14.76
N THR B 128 -22.05 -18.48 15.10
CA THR B 128 -21.23 -19.13 16.12
C THR B 128 -19.76 -19.12 15.73
N VAL B 129 -19.49 -19.26 14.42
CA VAL B 129 -18.11 -19.25 13.92
C VAL B 129 -17.42 -17.96 14.36
N ARG B 130 -18.11 -16.83 14.27
CA ARG B 130 -17.54 -15.56 14.71
C ARG B 130 -17.28 -15.55 16.21
N SER B 131 -18.21 -16.11 16.99
CA SER B 131 -18.03 -16.16 18.44
C SER B 131 -16.86 -17.06 18.82
N LEU B 132 -16.60 -18.09 18.03
CA LEU B 132 -15.43 -18.95 18.24
C LEU B 132 -14.15 -18.22 17.86
N ALA B 133 -14.20 -17.40 16.81
CA ALA B 133 -13.08 -16.53 16.50
C ALA B 133 -12.84 -15.52 17.62
N LYS B 134 -13.90 -15.13 18.33
CA LYS B 134 -13.73 -14.25 19.48
C LYS B 134 -12.92 -14.93 20.58
N GLU B 135 -13.31 -16.15 20.94
CA GLU B 135 -12.58 -16.94 21.93
C GLU B 135 -11.38 -17.62 21.26
N TYR B 136 -10.49 -16.78 20.73
CA TYR B 136 -9.34 -17.23 19.96
C TYR B 136 -8.47 -16.02 19.70
N LEU B 137 -9.09 -14.93 19.26
CA LEU B 137 -8.42 -13.67 18.99
C LEU B 137 -8.50 -12.72 20.17
N THR B 138 -8.61 -13.26 21.38
CA THR B 138 -8.57 -12.48 22.61
C THR B 138 -7.25 -12.67 23.36
N PRO B 139 -6.65 -13.89 23.41
CA PRO B 139 -5.36 -14.00 24.10
C PRO B 139 -4.16 -13.92 23.17
N ILE B 140 -4.36 -14.14 21.86
CA ILE B 140 -3.26 -14.04 20.91
C ILE B 140 -2.84 -12.58 20.74
N PHE B 141 -3.82 -11.71 20.49
CA PHE B 141 -3.55 -10.27 20.41
C PHE B 141 -3.10 -9.68 21.74
N TRP B 142 -3.26 -10.42 22.85
CA TRP B 142 -2.77 -9.94 24.13
C TRP B 142 -1.24 -9.86 24.12
N PHE B 143 -0.58 -10.91 23.62
CA PHE B 143 0.87 -10.99 23.55
C PHE B 143 1.39 -10.86 22.12
N ILE B 144 0.67 -10.14 21.26
CA ILE B 144 1.12 -9.96 19.87
C ILE B 144 2.36 -9.07 19.78
N PRO B 145 2.61 -8.11 20.69
CA PRO B 145 3.92 -7.44 20.63
C PRO B 145 5.07 -8.37 20.89
N ILE B 146 4.88 -9.36 21.77
CA ILE B 146 5.92 -10.35 22.02
C ILE B 146 6.22 -11.13 20.75
N GLY B 147 5.18 -11.51 20.01
CA GLY B 147 5.39 -12.21 18.76
C GLY B 147 6.09 -11.37 17.71
N PHE B 148 5.72 -10.08 17.63
CA PHE B 148 6.41 -9.18 16.71
C PHE B 148 7.90 -9.06 17.08
N LEU B 149 8.18 -8.91 18.38
CA LEU B 149 9.57 -8.86 18.84
C LEU B 149 10.31 -10.14 18.48
N THR B 150 9.66 -11.29 18.65
CA THR B 150 10.31 -12.56 18.37
C THR B 150 10.63 -12.69 16.88
N ASN B 151 9.72 -12.24 16.02
CA ASN B 151 10.00 -12.26 14.59
C ASN B 151 11.13 -11.29 14.23
N THR B 152 11.23 -10.17 14.96
CA THR B 152 12.38 -9.29 14.76
C THR B 152 13.68 -9.97 15.18
N PHE B 153 13.63 -10.76 16.26
CA PHE B 153 14.80 -11.53 16.69
C PHE B 153 15.21 -12.51 15.60
N TYR B 154 14.24 -13.23 15.06
CA TYR B 154 14.42 -14.00 13.82
C TYR B 154 15.24 -13.19 12.84
N GLY B 155 14.61 -12.15 12.26
CA GLY B 155 15.26 -11.29 11.30
C GLY B 155 16.70 -10.96 11.62
N ALA B 156 16.96 -10.56 12.86
CA ALA B 156 18.32 -10.23 13.28
C ALA B 156 19.26 -11.42 13.15
N TYR B 157 18.79 -12.61 13.53
CA TYR B 157 19.66 -13.77 13.50
C TYR B 157 20.01 -14.19 12.08
N ASN B 158 19.03 -14.26 11.17
CA ASN B 158 19.35 -14.62 9.79
C ASN B 158 20.11 -13.51 9.08
N GLY B 159 19.97 -12.25 9.53
CA GLY B 159 20.77 -11.19 8.95
C GLY B 159 22.23 -11.31 9.35
N ALA B 160 22.49 -11.41 10.66
CA ALA B 160 23.86 -11.57 11.16
C ALA B 160 24.54 -12.83 10.65
N GLY B 161 23.80 -13.75 10.04
CA GLY B 161 24.36 -14.97 9.50
C GLY B 161 24.21 -16.20 10.36
N ASP B 162 23.49 -16.10 11.48
CA ASP B 162 23.36 -17.19 12.44
C ASP B 162 21.90 -17.65 12.45
N THR B 163 21.59 -18.62 11.60
CA THR B 163 20.24 -19.15 11.46
C THR B 163 20.01 -20.42 12.27
N LYS B 164 21.08 -21.08 12.72
CA LYS B 164 20.92 -22.28 13.52
C LYS B 164 20.26 -21.97 14.86
N THR B 165 20.52 -20.79 15.42
CA THR B 165 19.89 -20.45 16.69
C THR B 165 18.39 -20.27 16.56
N PRO B 166 17.87 -19.52 15.56
CA PRO B 166 16.42 -19.53 15.35
C PRO B 166 15.89 -20.89 14.95
N MET B 167 16.70 -21.75 14.33
CA MET B 167 16.26 -23.13 14.10
C MET B 167 15.95 -23.83 15.43
N LYS B 168 16.90 -23.82 16.37
CA LYS B 168 16.67 -24.44 17.66
C LYS B 168 15.48 -23.81 18.37
N VAL B 169 15.37 -22.47 18.28
CA VAL B 169 14.26 -21.78 18.94
C VAL B 169 12.93 -22.24 18.36
N ALA B 170 12.87 -22.39 17.04
CA ALA B 170 11.64 -22.87 16.40
C ALA B 170 11.32 -24.28 16.84
N ILE B 171 12.34 -25.12 17.01
CA ILE B 171 12.12 -26.48 17.50
C ILE B 171 11.48 -26.45 18.89
N ILE B 172 12.00 -25.60 19.78
CA ILE B 172 11.47 -25.57 21.14
C ILE B 172 10.07 -24.96 21.17
N MET B 173 9.80 -23.96 20.32
CA MET B 173 8.46 -23.41 20.24
C MET B 173 7.47 -24.46 19.75
N ASN B 174 7.83 -25.18 18.69
CA ASN B 174 6.97 -26.24 18.19
C ASN B 174 6.69 -27.27 19.27
N LEU B 175 7.70 -27.64 20.06
CA LEU B 175 7.46 -28.55 21.17
C LEU B 175 6.61 -27.90 22.26
N THR B 176 6.59 -26.58 22.34
CA THR B 176 5.61 -25.91 23.19
C THR B 176 4.21 -25.96 22.59
N HIS B 177 4.08 -26.27 21.30
CA HIS B 177 2.78 -26.53 20.71
C HIS B 177 2.29 -27.97 20.89
N ILE B 178 2.99 -28.79 21.68
CA ILE B 178 2.45 -30.04 22.20
C ILE B 178 2.51 -29.96 23.71
N GLY B 179 1.38 -30.23 24.35
CA GLY B 179 1.22 -29.91 25.75
C GLY B 179 0.40 -28.66 25.90
N THR B 180 1.06 -27.49 25.96
CA THR B 180 0.34 -26.23 25.94
C THR B 180 -0.42 -26.09 24.62
N ALA B 181 -1.39 -26.99 24.42
CA ALA B 181 -2.17 -27.14 23.19
C ALA B 181 -2.98 -28.42 23.34
N TYR B 182 -2.35 -29.55 23.08
CA TYR B 182 -2.97 -30.85 23.32
C TYR B 182 -3.62 -30.90 24.70
N THR B 183 -2.94 -30.37 25.72
CA THR B 183 -3.52 -30.33 27.05
C THR B 183 -4.57 -29.23 27.15
N LEU B 184 -4.20 -27.99 26.85
CA LEU B 184 -5.11 -26.87 27.05
C LEU B 184 -6.34 -26.94 26.17
N ILE B 185 -6.30 -27.72 25.08
CA ILE B 185 -7.52 -28.00 24.33
C ILE B 185 -8.35 -29.04 25.05
N ASN B 186 -7.74 -30.19 25.36
CA ASN B 186 -8.45 -31.30 26.00
C ASN B 186 -8.45 -31.13 27.52
N GLY B 187 -7.31 -31.37 28.16
CA GLY B 187 -7.23 -31.16 29.59
C GLY B 187 -6.70 -32.34 30.38
N LYS B 188 -5.53 -32.85 30.00
CA LYS B 188 -4.90 -33.89 30.80
C LYS B 188 -4.38 -33.35 32.13
N PHE B 189 -3.95 -32.09 32.15
CA PHE B 189 -3.44 -31.47 33.37
C PHE B 189 -4.59 -30.97 34.24
N GLY B 190 -5.77 -31.57 34.10
CA GLY B 190 -6.92 -31.18 34.90
C GLY B 190 -7.38 -29.75 34.70
N LEU B 191 -6.77 -29.05 33.74
CA LEU B 191 -7.12 -27.67 33.47
C LEU B 191 -8.41 -27.60 32.63
N PRO B 192 -9.19 -26.54 32.80
CA PRO B 192 -10.47 -26.46 32.08
C PRO B 192 -10.27 -26.39 30.57
N LYS B 193 -11.15 -27.07 29.85
CA LYS B 193 -11.08 -27.07 28.39
C LYS B 193 -11.30 -25.68 27.84
N LEU B 194 -10.22 -25.01 27.42
CA LEU B 194 -10.35 -23.68 26.83
C LEU B 194 -11.04 -23.71 25.47
N GLY B 195 -11.29 -24.90 24.92
CA GLY B 195 -11.89 -24.96 23.60
C GLY B 195 -10.94 -24.37 22.56
N VAL B 196 -11.53 -23.68 21.59
CA VAL B 196 -10.73 -23.01 20.57
C VAL B 196 -9.73 -22.06 21.21
N GLU B 197 -10.12 -21.41 22.32
CA GLU B 197 -9.22 -20.49 23.01
C GLU B 197 -7.90 -21.16 23.39
N GLY B 198 -7.91 -22.46 23.64
CA GLY B 198 -6.68 -23.17 23.87
C GLY B 198 -5.67 -22.97 22.77
N ALA B 199 -6.10 -23.21 21.52
CA ALA B 199 -5.24 -22.98 20.36
C ALA B 199 -4.74 -21.55 20.31
N GLY B 200 -5.46 -20.61 20.91
CA GLY B 200 -4.96 -19.26 21.07
C GLY B 200 -3.77 -19.22 22.00
N TRP B 201 -3.99 -19.64 23.25
CA TRP B 201 -2.92 -19.58 24.25
C TRP B 201 -1.70 -20.39 23.80
N GLY B 202 -1.94 -21.57 23.22
CA GLY B 202 -0.86 -22.38 22.73
C GLY B 202 0.07 -21.63 21.79
N ILE B 203 -0.49 -20.75 20.96
CA ILE B 203 0.36 -19.88 20.14
C ILE B 203 1.01 -18.82 21.02
N ALA B 204 0.19 -18.09 21.78
CA ALA B 204 0.71 -17.01 22.62
C ALA B 204 1.83 -17.51 23.52
N ILE B 205 1.57 -18.57 24.28
CA ILE B 205 2.58 -19.11 25.19
C ILE B 205 3.85 -19.46 24.43
N SER B 206 3.72 -20.01 23.22
CA SER B 206 4.92 -20.41 22.48
C SER B 206 5.82 -19.21 22.22
N GLU B 207 5.25 -18.03 22.00
CA GLU B 207 6.07 -16.83 21.86
C GLU B 207 6.85 -16.56 23.14
N ILE B 208 6.16 -16.58 24.29
CA ILE B 208 6.80 -16.28 25.57
C ILE B 208 8.07 -17.11 25.75
N LEU B 209 7.96 -18.43 25.58
CA LEU B 209 9.13 -19.31 25.66
C LEU B 209 10.25 -18.78 24.78
N ALA B 210 9.97 -18.63 23.49
CA ALA B 210 11.01 -18.13 22.58
C ALA B 210 11.55 -16.79 23.06
N PHE B 211 10.66 -15.94 23.59
CA PHE B 211 11.12 -14.66 24.12
C PHE B 211 12.22 -14.86 25.15
N PHE B 212 11.97 -15.71 26.15
CA PHE B 212 12.98 -16.00 27.16
C PHE B 212 14.32 -16.30 26.50
N ILE B 213 14.38 -17.44 25.82
CA ILE B 213 15.55 -17.86 25.07
C ILE B 213 16.05 -16.69 24.24
N TYR B 214 15.14 -15.98 23.55
CA TYR B 214 15.61 -14.87 22.74
C TYR B 214 16.08 -13.70 23.60
N THR B 215 15.30 -13.32 24.61
CA THR B 215 15.75 -12.25 25.49
C THR B 215 16.82 -12.70 26.46
N PHE B 216 17.07 -14.01 26.56
CA PHE B 216 18.16 -14.50 27.39
C PHE B 216 19.50 -14.27 26.70
N LEU B 217 19.67 -14.85 25.51
CA LEU B 217 20.97 -14.80 24.83
C LEU B 217 21.50 -13.37 24.69
N LEU B 218 20.64 -12.37 24.52
CA LEU B 218 21.21 -11.05 24.28
C LEU B 218 21.70 -10.38 25.55
N ILE B 219 21.25 -10.84 26.71
CA ILE B 219 21.79 -10.33 27.96
C ILE B 219 22.94 -11.22 28.41
N PHE B 220 22.61 -12.43 28.84
CA PHE B 220 23.57 -13.28 29.54
C PHE B 220 24.77 -13.58 28.65
N PHE B 221 24.54 -14.04 27.43
CA PHE B 221 25.60 -14.41 26.51
C PHE B 221 25.94 -13.30 25.52
N LYS B 222 25.31 -12.12 25.64
CA LYS B 222 25.55 -10.97 24.76
C LYS B 222 25.31 -11.32 23.30
N LYS B 223 24.24 -12.09 23.05
CA LYS B 223 23.62 -12.65 21.83
C LYS B 223 24.78 -12.88 20.85
N PRO B 224 24.88 -12.25 19.62
CA PRO B 224 26.24 -12.05 19.11
C PRO B 224 26.85 -10.71 19.50
N PHE B 225 26.06 -9.71 19.86
CA PHE B 225 26.72 -8.44 20.14
C PHE B 225 26.06 -7.72 21.30
N PRO B 226 26.62 -6.59 21.78
CA PRO B 226 26.04 -5.70 22.79
C PRO B 226 24.53 -5.59 22.80
N LYS B 234 16.71 8.69 16.69
CA LYS B 234 17.73 8.43 15.69
C LYS B 234 17.10 8.32 14.31
N LEU B 235 17.68 7.47 13.46
CA LEU B 235 17.25 7.34 12.07
C LEU B 235 16.68 5.94 11.87
N LEU B 236 15.43 5.75 12.30
CA LEU B 236 14.65 4.59 11.90
C LEU B 236 13.88 4.84 10.62
N PHE B 237 13.78 6.10 10.18
CA PHE B 237 13.16 6.43 8.90
C PHE B 237 13.69 5.54 7.79
N LYS B 238 15.00 5.22 7.84
CA LYS B 238 15.58 4.25 6.92
C LYS B 238 14.86 2.90 7.01
N MET B 239 14.80 2.33 8.22
CA MET B 239 14.18 1.02 8.39
C MET B 239 12.73 1.03 7.92
N VAL B 240 12.01 2.12 8.20
CA VAL B 240 10.60 2.20 7.81
C VAL B 240 10.47 2.28 6.30
N ARG B 241 11.34 3.06 5.65
CA ARG B 241 11.30 3.18 4.21
C ARG B 241 11.69 1.87 3.54
N LEU B 242 12.47 1.03 4.20
CA LEU B 242 12.76 -0.28 3.64
C LEU B 242 11.61 -1.27 3.87
N GLY B 243 11.02 -1.24 5.06
CA GLY B 243 10.03 -2.25 5.39
C GLY B 243 8.67 -2.00 4.79
N THR B 244 8.32 -0.75 4.53
CA THR B 244 6.99 -0.46 3.97
C THR B 244 6.77 -1.13 2.61
N PRO B 245 7.71 -1.10 1.65
CA PRO B 245 7.42 -1.76 0.36
C PRO B 245 7.27 -3.27 0.48
N THR B 246 8.02 -3.92 1.36
CA THR B 246 7.83 -5.35 1.56
C THR B 246 6.46 -5.64 2.19
N ALA B 247 6.05 -4.81 3.15
CA ALA B 247 4.72 -4.95 3.71
C ALA B 247 3.65 -4.79 2.63
N LEU B 248 3.86 -3.86 1.70
CA LEU B 248 2.93 -3.73 0.58
C LEU B 248 2.95 -4.97 -0.31
N GLU B 249 4.15 -5.50 -0.57
CA GLU B 249 4.27 -6.68 -1.42
C GLU B 249 3.56 -7.89 -0.81
N ARG B 250 3.54 -7.99 0.52
CA ARG B 250 2.87 -9.11 1.17
C ARG B 250 1.43 -8.80 1.59
N ALA B 251 0.99 -7.55 1.52
CA ALA B 251 -0.37 -7.18 1.84
C ALA B 251 -1.27 -7.01 0.64
N ILE B 252 -0.71 -6.62 -0.51
CA ILE B 252 -1.52 -6.41 -1.69
C ILE B 252 -1.57 -7.70 -2.52
N THR B 253 -0.50 -8.50 -2.50
CA THR B 253 -0.50 -9.75 -3.26
C THR B 253 -1.46 -10.77 -2.66
N THR B 254 -1.61 -10.79 -1.34
CA THR B 254 -2.61 -11.65 -0.71
C THR B 254 -4.00 -11.32 -1.23
N LEU B 255 -4.41 -10.07 -1.03
CA LEU B 255 -5.66 -9.53 -1.58
C LEU B 255 -5.83 -9.93 -3.04
N SER B 256 -4.87 -9.54 -3.88
CA SER B 256 -5.01 -9.69 -5.33
C SER B 256 -4.90 -11.13 -5.79
N PHE B 257 -4.33 -12.02 -4.98
CA PHE B 257 -4.34 -13.44 -5.28
C PHE B 257 -5.70 -14.04 -5.01
N ASN B 258 -6.41 -13.51 -4.00
CA ASN B 258 -7.80 -13.95 -3.85
C ASN B 258 -8.64 -13.56 -5.06
N VAL B 259 -8.31 -12.45 -5.73
CA VAL B 259 -8.97 -12.08 -6.96
C VAL B 259 -8.68 -13.10 -8.06
N PHE B 260 -7.54 -13.79 -7.97
CA PHE B 260 -7.26 -14.88 -8.90
C PHE B 260 -7.95 -16.18 -8.49
N VAL B 261 -8.15 -16.41 -7.19
CA VAL B 261 -8.83 -17.64 -6.78
C VAL B 261 -10.31 -17.56 -7.12
N GLY B 262 -10.85 -16.33 -7.22
CA GLY B 262 -12.21 -16.18 -7.73
C GLY B 262 -12.39 -16.80 -9.10
N PHE B 263 -11.31 -16.93 -9.86
CA PHE B 263 -11.36 -17.61 -11.15
C PHE B 263 -11.81 -19.05 -10.98
N LEU B 264 -11.13 -19.79 -10.09
CA LEU B 264 -11.44 -21.20 -9.88
C LEU B 264 -12.70 -21.39 -9.06
N ALA B 265 -13.14 -20.37 -8.31
CA ALA B 265 -14.34 -20.51 -7.50
C ALA B 265 -15.61 -20.79 -8.31
N LYS B 266 -15.55 -20.71 -9.64
CA LYS B 266 -16.72 -20.84 -10.49
C LYS B 266 -17.01 -22.28 -10.91
N PHE B 267 -16.47 -23.27 -10.21
CA PHE B 267 -16.66 -24.66 -10.58
C PHE B 267 -17.12 -25.54 -9.42
N GLY B 268 -17.41 -24.96 -8.26
CA GLY B 268 -17.90 -25.71 -7.13
C GLY B 268 -16.79 -26.08 -6.17
N ASP B 269 -17.18 -26.85 -5.15
CA ASP B 269 -16.24 -27.24 -4.11
C ASP B 269 -15.24 -28.27 -4.60
N LYS B 270 -15.53 -28.98 -5.69
CA LYS B 270 -14.62 -30.02 -6.16
C LYS B 270 -13.34 -29.46 -6.77
N VAL B 271 -13.37 -28.22 -7.25
CA VAL B 271 -12.15 -27.58 -7.73
C VAL B 271 -11.51 -26.72 -6.64
N LEU B 272 -12.33 -26.14 -5.75
CA LEU B 272 -11.78 -25.48 -4.58
C LEU B 272 -10.97 -26.44 -3.73
N ALA B 273 -11.42 -27.70 -3.63
CA ALA B 273 -10.64 -28.71 -2.93
C ALA B 273 -9.30 -28.95 -3.64
N ALA B 274 -9.32 -28.99 -4.96
CA ALA B 274 -8.08 -29.18 -5.71
C ALA B 274 -7.09 -28.07 -5.42
N HIS B 275 -7.54 -26.82 -5.47
CA HIS B 275 -6.63 -25.70 -5.22
C HIS B 275 -6.18 -25.66 -3.75
N GLN B 276 -7.10 -25.95 -2.82
CA GLN B 276 -6.78 -25.90 -1.40
C GLN B 276 -5.77 -26.98 -1.01
N ILE B 277 -5.84 -28.15 -1.66
CA ILE B 277 -4.88 -29.21 -1.40
C ILE B 277 -3.59 -28.95 -2.17
N GLY B 278 -3.69 -28.31 -3.34
CA GLY B 278 -2.51 -27.85 -4.02
C GLY B 278 -1.68 -26.92 -3.16
N LEU B 279 -2.34 -26.01 -2.45
CA LEU B 279 -1.63 -25.15 -1.51
C LEU B 279 -0.78 -25.97 -0.54
N ARG B 280 -1.33 -27.08 -0.04
CA ARG B 280 -0.63 -27.90 0.95
C ARG B 280 0.55 -28.63 0.33
N ILE B 281 0.25 -29.50 -0.64
CA ILE B 281 1.29 -30.22 -1.37
C ILE B 281 2.38 -29.25 -1.85
N GLU B 282 1.98 -28.04 -2.28
CA GLU B 282 2.94 -27.03 -2.70
C GLU B 282 3.81 -26.68 -1.50
N SER B 283 3.18 -26.08 -0.49
CA SER B 283 3.87 -25.69 0.73
C SER B 283 4.93 -26.72 1.13
N ILE B 284 4.59 -28.01 1.13
CA ILE B 284 5.58 -29.05 1.48
C ILE B 284 6.86 -28.82 0.68
N SER B 285 6.72 -28.61 -0.64
CA SER B 285 7.85 -28.42 -1.55
C SER B 285 8.15 -26.95 -1.86
N PHE B 286 7.60 -26.03 -1.05
CA PHE B 286 7.93 -24.60 -0.99
C PHE B 286 9.02 -24.16 -0.02
N MET B 287 9.15 -24.69 1.20
CA MET B 287 10.12 -24.09 2.13
C MET B 287 11.54 -24.05 1.55
N ILE B 288 11.88 -24.94 0.62
CA ILE B 288 13.24 -24.95 0.10
C ILE B 288 13.60 -23.57 -0.44
N GLY B 289 12.73 -23.03 -1.30
CA GLY B 289 13.02 -21.77 -1.96
C GLY B 289 12.99 -20.59 -1.02
N PHE B 290 12.06 -20.58 -0.06
CA PHE B 290 12.00 -19.46 0.88
C PHE B 290 13.22 -19.46 1.80
N GLY B 291 13.67 -20.64 2.23
CA GLY B 291 14.89 -20.72 3.01
C GLY B 291 16.10 -20.22 2.23
N VAL B 292 16.25 -20.71 0.99
CA VAL B 292 17.37 -20.24 0.18
C VAL B 292 17.21 -18.76 -0.16
N MET B 293 15.98 -18.25 -0.18
CA MET B 293 15.75 -16.84 -0.44
C MET B 293 16.24 -15.98 0.71
N ILE B 294 15.91 -16.37 1.95
CA ILE B 294 16.43 -15.63 3.10
C ILE B 294 17.95 -15.75 3.14
N ALA B 295 18.48 -16.93 2.83
CA ALA B 295 19.93 -17.12 2.83
C ALA B 295 20.60 -16.22 1.80
N SER B 296 20.04 -16.15 0.59
CA SER B 296 20.60 -15.33 -0.46
C SER B 296 20.45 -13.84 -0.15
N THR B 297 19.36 -13.45 0.53
CA THR B 297 19.25 -12.10 1.04
C THR B 297 20.40 -11.76 1.95
N THR B 298 20.67 -12.66 2.91
CA THR B 298 21.79 -12.44 3.83
C THR B 298 23.11 -12.36 3.09
N LEU B 299 23.33 -13.26 2.13
CA LEU B 299 24.60 -13.27 1.39
C LEU B 299 24.78 -12.00 0.58
N ALA B 300 23.75 -11.61 -0.18
CA ALA B 300 23.85 -10.40 -0.99
C ALA B 300 24.03 -9.17 -0.13
N GLY B 301 23.41 -9.14 1.06
CA GLY B 301 23.61 -8.02 1.95
C GLY B 301 25.03 -7.97 2.52
N GLN B 302 25.54 -9.12 2.96
CA GLN B 302 26.87 -9.17 3.54
C GLN B 302 27.96 -8.92 2.52
N ASN B 303 27.69 -9.16 1.23
CA ASN B 303 28.67 -8.86 0.21
C ASN B 303 28.50 -7.47 -0.41
N TYR B 304 27.29 -6.91 -0.34
CA TYR B 304 27.06 -5.58 -0.91
C TYR B 304 27.75 -4.51 -0.06
N GLY B 305 27.58 -4.58 1.26
CA GLY B 305 28.25 -3.61 2.12
C GLY B 305 29.75 -3.76 2.17
N ALA B 306 30.26 -4.94 1.89
CA ALA B 306 31.70 -5.21 1.91
C ALA B 306 32.38 -4.89 0.59
N ARG B 307 31.70 -4.19 -0.32
CA ARG B 307 32.24 -3.80 -1.62
C ARG B 307 32.70 -5.00 -2.43
N ASN B 308 32.18 -6.19 -2.13
CA ASN B 308 32.55 -7.42 -2.83
C ASN B 308 31.47 -7.75 -3.86
N TYR B 309 31.37 -6.88 -4.87
CA TYR B 309 30.30 -6.99 -5.84
C TYR B 309 30.47 -8.24 -6.71
N ARG B 310 31.68 -8.50 -7.20
CA ARG B 310 31.91 -9.69 -8.01
C ARG B 310 31.57 -10.95 -7.22
N GLY B 311 31.98 -11.02 -5.95
CA GLY B 311 31.66 -12.18 -5.14
C GLY B 311 30.19 -12.30 -4.86
N MET B 312 29.50 -11.17 -4.67
CA MET B 312 28.05 -11.19 -4.52
C MET B 312 27.38 -11.79 -5.74
N VAL B 313 27.80 -11.33 -6.93
CA VAL B 313 27.23 -11.86 -8.17
C VAL B 313 27.52 -13.35 -8.27
N HIS B 314 28.74 -13.77 -7.93
CA HIS B 314 29.08 -15.17 -8.02
C HIS B 314 28.23 -16.02 -7.09
N ALA B 315 28.02 -15.55 -5.86
CA ALA B 315 27.22 -16.29 -4.89
C ALA B 315 25.78 -16.43 -5.37
N VAL B 316 25.18 -15.33 -5.82
CA VAL B 316 23.79 -15.41 -6.24
C VAL B 316 23.67 -16.25 -7.51
N ASN B 317 24.65 -16.14 -8.42
CA ASN B 317 24.65 -16.90 -9.66
C ASN B 317 24.79 -18.39 -9.41
N THR B 318 25.58 -18.77 -8.41
CA THR B 318 25.75 -20.19 -8.10
C THR B 318 24.54 -20.74 -7.35
N SER B 319 24.08 -20.03 -6.33
CA SER B 319 22.95 -20.50 -5.54
C SER B 319 21.66 -20.56 -6.36
N ALA B 320 21.47 -19.63 -7.30
CA ALA B 320 20.28 -19.67 -8.14
C ALA B 320 20.22 -20.97 -8.94
N HIS B 321 21.32 -21.32 -9.60
CA HIS B 321 21.32 -22.53 -10.42
C HIS B 321 21.28 -23.79 -9.56
N PHE B 322 21.90 -23.77 -8.38
CA PHE B 322 21.80 -24.93 -7.50
C PHE B 322 20.37 -25.15 -7.05
N THR B 323 19.70 -24.08 -6.62
CA THR B 323 18.28 -24.18 -6.27
C THR B 323 17.45 -24.58 -7.49
N ALA B 324 17.87 -24.17 -8.68
CA ALA B 324 17.16 -24.60 -9.89
C ALA B 324 17.25 -26.11 -10.06
N LEU B 325 18.43 -26.69 -9.85
CA LEU B 325 18.55 -28.15 -9.93
C LEU B 325 17.69 -28.83 -8.88
N VAL B 326 17.74 -28.34 -7.64
CA VAL B 326 16.95 -28.94 -6.57
C VAL B 326 15.46 -28.85 -6.87
N MET B 327 15.01 -27.69 -7.33
CA MET B 327 13.60 -27.52 -7.63
C MET B 327 13.20 -28.29 -8.88
N SER B 328 14.14 -28.53 -9.78
CA SER B 328 13.86 -29.39 -10.93
C SER B 328 13.59 -30.82 -10.47
N LEU B 329 14.44 -31.34 -9.58
CA LEU B 329 14.15 -32.65 -8.99
C LEU B 329 12.81 -32.65 -8.27
N THR B 330 12.52 -31.58 -7.53
CA THR B 330 11.28 -31.51 -6.76
C THR B 330 10.05 -31.49 -7.67
N GLY B 331 10.06 -30.61 -8.68
CA GLY B 331 8.97 -30.57 -9.64
C GLY B 331 8.83 -31.86 -10.42
N LEU B 332 9.95 -32.54 -10.69
CA LEU B 332 9.87 -33.84 -11.35
C LEU B 332 9.18 -34.86 -10.46
N ILE B 333 9.47 -34.84 -9.16
CA ILE B 333 8.76 -35.71 -8.23
C ILE B 333 7.27 -35.39 -8.23
N LEU B 334 6.94 -34.09 -8.23
CA LEU B 334 5.53 -33.69 -8.19
C LEU B 334 4.80 -34.06 -9.48
N ILE B 335 5.49 -34.05 -10.61
CA ILE B 335 4.87 -34.36 -11.89
C ILE B 335 4.72 -35.88 -12.06
N LEU B 336 5.74 -36.63 -11.66
CA LEU B 336 5.72 -38.07 -11.88
C LEU B 336 4.80 -38.78 -10.90
N PHE B 337 4.73 -38.32 -9.66
CA PHE B 337 3.90 -38.93 -8.62
C PHE B 337 2.92 -37.91 -8.06
N PRO B 338 1.94 -37.45 -8.84
CA PRO B 338 0.93 -36.55 -8.26
C PRO B 338 -0.17 -37.34 -7.55
N HIS B 339 -0.54 -38.47 -8.16
CA HIS B 339 -1.63 -39.29 -7.66
C HIS B 339 -1.37 -39.75 -6.24
N TYR B 340 -0.12 -40.11 -5.93
CA TYR B 340 0.20 -40.56 -4.59
C TYR B 340 0.29 -39.41 -3.59
N LEU B 341 0.63 -38.20 -4.05
CA LEU B 341 0.62 -37.05 -3.14
C LEU B 341 -0.79 -36.60 -2.79
N VAL B 342 -1.76 -36.79 -3.69
CA VAL B 342 -3.11 -36.36 -3.35
C VAL B 342 -3.93 -37.43 -2.62
N TYR B 343 -3.61 -38.71 -2.83
CA TYR B 343 -4.29 -39.78 -2.10
C TYR B 343 -4.42 -39.53 -0.59
N PRO B 344 -3.42 -38.99 0.12
CA PRO B 344 -3.64 -38.70 1.54
C PRO B 344 -4.77 -37.71 1.79
N PHE B 345 -4.95 -36.73 0.90
CA PHE B 345 -5.80 -35.59 1.19
C PHE B 345 -7.17 -35.66 0.52
N SER B 346 -7.40 -36.60 -0.39
CA SER B 346 -8.66 -36.61 -1.11
C SER B 346 -9.06 -38.02 -1.49
N ARG B 347 -10.35 -38.32 -1.32
CA ARG B 347 -10.93 -39.59 -1.76
C ARG B 347 -11.88 -39.45 -2.94
N ASP B 348 -12.52 -38.29 -3.11
CA ASP B 348 -13.36 -38.06 -4.27
C ASP B 348 -12.50 -38.09 -5.53
N PRO B 349 -12.85 -38.89 -6.54
CA PRO B 349 -11.95 -39.06 -7.69
C PRO B 349 -11.73 -37.80 -8.51
N GLU B 350 -12.80 -37.13 -8.93
CA GLU B 350 -12.67 -35.93 -9.76
C GLU B 350 -11.74 -34.92 -9.12
N VAL B 351 -11.76 -34.84 -7.78
CA VAL B 351 -10.79 -34.02 -7.05
C VAL B 351 -9.38 -34.56 -7.28
N ILE B 352 -9.22 -35.88 -7.27
CA ILE B 352 -7.90 -36.48 -7.52
C ILE B 352 -7.37 -36.07 -8.89
N GLU B 353 -8.22 -36.20 -9.91
CA GLU B 353 -7.78 -35.87 -11.27
C GLU B 353 -7.46 -34.40 -11.39
N TRP B 354 -8.25 -33.53 -10.74
CA TRP B 354 -7.95 -32.11 -10.79
C TRP B 354 -6.64 -31.78 -10.09
N ALA B 355 -6.38 -32.39 -8.94
CA ALA B 355 -5.17 -32.09 -8.21
C ALA B 355 -3.93 -32.60 -8.94
N SER B 356 -4.04 -33.77 -9.59
CA SER B 356 -2.91 -34.27 -10.36
C SER B 356 -2.65 -33.37 -11.58
N TYR B 357 -3.71 -33.03 -12.31
CA TYR B 357 -3.59 -32.10 -13.43
C TYR B 357 -3.07 -30.74 -12.98
N TYR B 358 -3.24 -30.41 -11.70
CA TYR B 358 -2.71 -29.16 -11.17
C TYR B 358 -1.23 -29.26 -10.85
N LEU B 359 -0.82 -30.37 -10.25
CA LEU B 359 0.59 -30.52 -9.91
C LEU B 359 1.46 -30.70 -11.15
N GLN B 360 0.91 -31.27 -12.23
CA GLN B 360 1.68 -31.27 -13.48
C GLN B 360 1.84 -29.87 -14.07
N ILE B 361 0.99 -28.93 -13.70
CA ILE B 361 1.14 -27.56 -14.18
C ILE B 361 2.04 -26.75 -13.26
N VAL B 362 2.13 -27.12 -11.98
CA VAL B 362 3.00 -26.37 -11.07
C VAL B 362 4.44 -26.88 -11.14
N GLY B 363 4.62 -28.20 -11.21
CA GLY B 363 5.96 -28.76 -11.19
C GLY B 363 6.86 -28.20 -12.28
N ILE B 364 6.27 -27.81 -13.41
CA ILE B 364 7.04 -27.12 -14.44
C ILE B 364 7.62 -25.82 -13.88
N SER B 365 6.76 -25.01 -13.27
CA SER B 365 7.19 -23.71 -12.77
C SER B 365 8.14 -23.82 -11.58
N GLN B 366 8.19 -24.99 -10.94
CA GLN B 366 9.11 -25.17 -9.80
C GLN B 366 10.53 -24.71 -10.09
N PRO B 367 11.21 -25.13 -11.17
CA PRO B 367 12.55 -24.56 -11.42
C PRO B 367 12.53 -23.05 -11.57
N ALA B 368 11.48 -22.50 -12.19
CA ALA B 368 11.38 -21.06 -12.35
C ALA B 368 11.02 -20.34 -11.06
N MET B 369 10.60 -21.06 -10.03
CA MET B 369 10.40 -20.48 -8.72
C MET B 369 11.68 -20.42 -7.90
N ALA B 370 12.78 -20.97 -8.43
CA ALA B 370 14.07 -20.82 -7.79
C ALA B 370 14.70 -19.49 -8.14
N TYR B 371 14.72 -19.13 -9.42
CA TYR B 371 15.27 -17.85 -9.84
C TYR B 371 14.48 -16.70 -9.24
N ALA B 372 13.15 -16.77 -9.29
CA ALA B 372 12.32 -15.72 -8.72
C ALA B 372 12.64 -15.52 -7.25
N SER B 373 12.63 -16.60 -6.47
CA SER B 373 12.90 -16.50 -5.04
C SER B 373 14.30 -15.99 -4.76
N ILE B 374 15.30 -16.52 -5.48
CA ILE B 374 16.69 -16.18 -5.18
C ILE B 374 16.98 -14.72 -5.55
N TYR B 375 16.64 -14.32 -6.78
CA TYR B 375 16.84 -12.92 -7.17
C TYR B 375 15.98 -11.99 -6.32
N SER B 376 14.79 -12.42 -5.91
CA SER B 376 13.93 -11.61 -5.06
C SER B 376 14.59 -11.33 -3.72
N GLY B 377 15.09 -12.38 -3.08
CA GLY B 377 15.85 -12.16 -1.86
C GLY B 377 17.11 -11.35 -2.10
N ALA B 378 17.78 -11.59 -3.23
CA ALA B 378 19.08 -10.98 -3.48
C ALA B 378 18.97 -9.47 -3.60
N LEU B 379 17.96 -8.98 -4.33
CA LEU B 379 17.77 -7.54 -4.41
C LEU B 379 17.30 -6.92 -3.09
N LYS B 380 16.85 -7.72 -2.14
CA LYS B 380 16.52 -7.15 -0.84
C LYS B 380 17.77 -6.80 -0.04
N GLY B 381 18.81 -7.63 -0.11
CA GLY B 381 20.05 -7.30 0.57
C GLY B 381 20.63 -5.98 0.12
N MET B 382 20.60 -5.72 -1.18
CA MET B 382 21.18 -4.51 -1.76
C MET B 382 20.14 -3.39 -1.83
N GLY B 383 19.61 -3.05 -0.66
CA GLY B 383 18.67 -1.96 -0.53
C GLY B 383 17.39 -2.11 -1.33
N LYS B 384 17.50 -1.94 -2.66
CA LYS B 384 16.39 -1.93 -3.62
C LYS B 384 15.22 -2.83 -3.23
N THR B 385 14.36 -2.37 -2.33
CA THR B 385 13.27 -3.19 -1.83
C THR B 385 11.92 -2.87 -2.45
N HIS B 386 11.83 -1.83 -3.29
CA HIS B 386 10.61 -1.60 -4.06
C HIS B 386 10.54 -2.46 -5.31
N ILE B 387 11.62 -3.16 -5.66
CA ILE B 387 11.62 -4.00 -6.86
C ILE B 387 10.56 -5.09 -6.71
N PRO B 388 10.61 -5.98 -5.71
CA PRO B 388 9.59 -7.04 -5.62
C PRO B 388 8.18 -6.52 -5.43
N LEU B 389 8.01 -5.22 -5.12
CA LEU B 389 6.68 -4.65 -5.01
C LEU B 389 6.04 -4.45 -6.38
N PHE B 390 6.73 -3.77 -7.28
CA PHE B 390 6.21 -3.53 -8.62
C PHE B 390 6.66 -4.59 -9.62
N VAL B 391 7.32 -5.65 -9.17
CA VAL B 391 7.66 -6.77 -10.03
C VAL B 391 6.68 -7.93 -9.84
N ASN B 392 6.30 -8.22 -8.60
CA ASN B 392 5.34 -9.27 -8.31
C ASN B 392 3.90 -8.80 -8.42
N ILE B 393 3.67 -7.50 -8.64
CA ILE B 393 2.32 -6.95 -8.80
C ILE B 393 2.02 -6.67 -10.27
N SER B 394 2.93 -5.96 -10.94
CA SER B 394 2.78 -5.68 -12.37
C SER B 394 2.89 -6.92 -13.22
N SER B 395 3.15 -8.08 -12.61
CA SER B 395 3.20 -9.34 -13.33
C SER B 395 1.91 -10.14 -13.18
N PHE B 396 1.33 -10.14 -11.98
CA PHE B 396 0.00 -10.72 -11.75
C PHE B 396 -0.97 -10.31 -12.84
N TRP B 397 -1.43 -9.06 -12.79
CA TRP B 397 -2.41 -8.57 -13.73
C TRP B 397 -1.95 -8.77 -15.17
N LEU B 398 -0.74 -8.30 -15.48
CA LEU B 398 -0.29 -8.28 -16.87
C LEU B 398 -0.25 -9.67 -17.49
N PHE B 399 0.12 -10.68 -16.71
CA PHE B 399 0.40 -12.00 -17.27
C PHE B 399 -0.43 -13.15 -16.70
N ARG B 400 -0.78 -13.16 -15.41
CA ARG B 400 -1.54 -14.30 -14.91
C ARG B 400 -3.04 -14.04 -14.78
N ILE B 401 -3.44 -12.86 -14.34
CA ILE B 401 -4.85 -12.62 -14.07
C ILE B 401 -5.60 -12.14 -15.31
N ILE B 402 -5.00 -11.28 -16.13
CA ILE B 402 -5.68 -10.83 -17.35
C ILE B 402 -5.61 -11.92 -18.42
N PRO B 403 -4.43 -12.39 -18.85
CA PRO B 403 -4.39 -13.40 -19.92
C PRO B 403 -5.17 -14.67 -19.61
N SER B 404 -5.55 -14.89 -18.35
CA SER B 404 -6.50 -15.94 -18.02
C SER B 404 -7.94 -15.47 -18.13
N TYR B 405 -8.18 -14.16 -17.95
CA TYR B 405 -9.53 -13.62 -18.08
C TYR B 405 -9.99 -13.60 -19.53
N PHE B 406 -9.07 -13.36 -20.47
CA PHE B 406 -9.43 -13.28 -21.88
C PHE B 406 -9.50 -14.65 -22.57
N LEU B 407 -9.17 -15.74 -21.88
CA LEU B 407 -9.21 -17.06 -22.48
C LEU B 407 -10.19 -18.00 -21.80
N LEU B 408 -10.87 -17.57 -20.75
CA LEU B 408 -11.87 -18.42 -20.11
C LEU B 408 -13.14 -18.51 -20.94
N PRO B 414 -10.33 -25.34 -16.20
CA PRO B 414 -9.54 -24.77 -15.11
C PRO B 414 -8.04 -24.79 -15.41
N LEU B 415 -7.67 -25.32 -16.57
CA LEU B 415 -6.26 -25.39 -16.94
C LEU B 415 -5.74 -24.12 -17.57
N VAL B 416 -6.62 -23.23 -18.05
CA VAL B 416 -6.19 -21.92 -18.56
C VAL B 416 -5.61 -21.09 -17.42
N PRO B 417 -6.33 -20.89 -16.30
CA PRO B 417 -5.73 -20.07 -15.23
C PRO B 417 -4.47 -20.67 -14.62
N TRP B 418 -4.41 -22.00 -14.48
CA TRP B 418 -3.22 -22.61 -13.90
C TRP B 418 -2.05 -22.59 -14.88
N GLY B 419 -2.31 -22.89 -16.15
CA GLY B 419 -1.26 -22.84 -17.15
C GLY B 419 -0.73 -21.44 -17.38
N PHE B 420 -1.54 -20.42 -17.10
CA PHE B 420 -1.01 -19.07 -17.14
C PHE B 420 -0.33 -18.67 -15.85
N MET B 421 -0.78 -19.20 -14.71
CA MET B 421 -0.04 -19.03 -13.47
C MET B 421 1.41 -19.48 -13.64
N THR B 422 1.58 -20.70 -14.16
CA THR B 422 2.91 -21.22 -14.44
C THR B 422 3.75 -20.22 -15.22
N PHE B 423 3.33 -19.90 -16.45
CA PHE B 423 4.15 -19.06 -17.31
C PHE B 423 4.29 -17.64 -16.79
N GLU B 424 3.38 -17.19 -15.93
CA GLU B 424 3.57 -15.91 -15.26
C GLU B 424 4.74 -15.98 -14.30
N THR B 425 4.74 -16.97 -13.39
CA THR B 425 5.92 -17.18 -12.54
C THR B 425 6.92 -18.02 -13.33
N ALA B 426 7.42 -17.41 -14.40
CA ALA B 426 8.38 -17.99 -15.32
C ALA B 426 8.82 -16.84 -16.22
N VAL B 427 7.86 -15.98 -16.56
CA VAL B 427 8.16 -14.65 -17.06
C VAL B 427 8.57 -13.73 -15.92
N ARG B 428 8.16 -14.04 -14.68
CA ARG B 428 8.70 -13.34 -13.52
C ARG B 428 10.16 -13.73 -13.29
N ALA B 429 10.60 -14.88 -13.78
CA ALA B 429 12.01 -15.20 -13.79
C ALA B 429 12.75 -14.20 -14.68
N LEU B 430 12.62 -14.37 -15.99
CA LEU B 430 13.17 -13.41 -16.94
C LEU B 430 12.43 -12.08 -16.76
N PHE B 431 12.82 -11.33 -15.74
CA PHE B 431 12.27 -10.02 -15.37
C PHE B 431 12.98 -9.69 -14.08
N TYR B 432 12.92 -10.62 -13.13
CA TYR B 432 13.80 -10.55 -11.98
C TYR B 432 15.26 -10.56 -12.41
N TYR B 433 15.59 -11.45 -13.35
CA TYR B 433 16.98 -11.55 -13.78
C TYR B 433 17.40 -10.26 -14.45
N THR B 434 16.85 -9.95 -15.63
CA THR B 434 17.33 -8.80 -16.41
C THR B 434 17.45 -7.55 -15.57
N VAL B 435 16.49 -7.31 -14.66
CA VAL B 435 16.61 -6.21 -13.71
C VAL B 435 17.85 -6.41 -12.85
N PHE B 436 18.03 -7.62 -12.31
CA PHE B 436 19.18 -7.89 -11.45
C PHE B 436 20.49 -7.68 -12.20
N LYS B 437 20.57 -8.16 -13.43
CA LYS B 437 21.80 -8.06 -14.21
C LYS B 437 22.11 -6.63 -14.61
N LYS B 438 21.07 -5.86 -14.99
CA LYS B 438 21.30 -4.47 -15.35
C LYS B 438 21.61 -3.63 -14.13
N VAL B 439 21.14 -4.04 -12.95
CA VAL B 439 21.46 -3.29 -11.73
C VAL B 439 22.86 -3.65 -11.24
N VAL B 440 23.25 -4.91 -11.36
CA VAL B 440 24.47 -5.36 -10.73
C VAL B 440 25.67 -5.23 -11.66
N GLY B 441 25.44 -5.21 -12.97
CA GLY B 441 26.53 -4.94 -13.90
C GLY B 441 26.92 -3.48 -13.91
N LYS B 442 25.99 -2.59 -13.59
CA LYS B 442 26.29 -1.17 -13.46
C LYS B 442 26.83 -0.83 -12.08
N LEU B 443 26.82 -1.77 -11.13
CA LEU B 443 27.54 -1.57 -9.88
C LEU B 443 29.05 -1.63 -10.11
N LEU B 444 29.50 -2.46 -11.04
CA LEU B 444 30.91 -2.61 -11.34
C LEU B 444 31.40 -1.47 -12.22
#